data_4YE4
#
_entry.id   4YE4
#
_cell.length_a   87.712
_cell.length_b   99.037
_cell.length_c   180.426
_cell.angle_alpha   90.000
_cell.angle_beta   90.000
_cell.angle_gamma   90.000
#
_symmetry.space_group_name_H-M   'I 2 2 2'
#
loop_
_entity.id
_entity.type
_entity.pdbx_description
1 polymer 'HT593.1 gp120'
2 polymer 'Heavy chain human antibody HJ16'
3 polymer 'Light chain of HJ16'
4 non-polymer 2-acetamido-2-deoxy-beta-D-glucopyranose
5 water water
#
loop_
_entity_poly.entity_id
_entity_poly.type
_entity_poly.pdbx_seq_one_letter_code
_entity_poly.pdbx_strand_id
1 'polypeptide(L)'
;VWKEATTTLFCASDAKAYETEVHNVWATHACVPTDPNPQEVLLENVTENFNMWKNNMVEQMQEDIISLWDQSLKPCVKLT
GGSVITQACPKVSFEPIPIHYCTPAGFAILKCNDRNFNGTGPCKNVSTVQCTHGIKPVVSTQLLLNGSLAEAEVVIRSEN
FTNNAKTIIIQLNETVEINCTRPNNGGSGSGGNIRQAHCNISRATWNSTLKKIVAKLREQFGNKTIVFQPSSGGDPEIVM
HSFNCGGEFFYCNTTQLFNSTWNSTEESNSTEEGTITLPCRIKQIINMWQEVGKAMYAPPIEGQIRCSSNITGLLLTRDG
GNNNKTNGTEIFRPGGGDMRDNWRSELYKYKVVKIE
;
G
2 'polypeptide(L)'
;QMKLMQSGGVMVRPGESATLSCVASGFDFSRNGFEWLRQGPGKGLQWLATVTFESKTHVTASARGRFTISRDNSRRTVYL
QMTNLQPDDTAMYFCVKDQTIFHKNGAVDFFSYFDLWGRGAPVIVSAASTKGPSVFPLAPSSKSTSGGTAALGCLVKDYF
PEPVTVSWNSGALTSGVHTFPAVLQSSGLYSLSSVVTVPSSSLGTQTYICNVNHKPSNTKVDKRVEPK
;
H
3 'polypeptide(L)'
;DVVMTQSPEFLAVSLGERATLECKSSHSLLYAPYDKDALVWYQQKPGQPPKLLLDWASSRRSGVSDRFSATSASGRYFTL
TISNFRADDVATYYCQQTRWTPPTFGGGTKVDLNRTVAAPSVFIFPPSDEQLKSGTASVVCLLNNFYPREAKVQWKVDNA
LQSGNSQESVTEQDSKDSTYSLSSTLTLSKADYEKHKVYACEVTHQGLSSPVTKSFNR
;
L
#
# COMPACT_ATOMS: atom_id res chain seq x y z
N LYS A 3 -5.59 -36.53 -33.14
CA LYS A 3 -5.12 -35.14 -33.21
C LYS A 3 -5.97 -34.41 -32.19
N GLU A 4 -5.47 -33.37 -31.51
CA GLU A 4 -6.39 -32.65 -30.62
C GLU A 4 -7.56 -32.04 -31.39
N ALA A 5 -8.77 -32.06 -30.84
CA ALA A 5 -9.90 -31.54 -31.62
C ALA A 5 -11.08 -31.01 -30.82
N THR A 6 -11.75 -30.00 -31.37
CA THR A 6 -12.97 -29.52 -30.76
C THR A 6 -14.20 -30.09 -31.47
N THR A 7 -15.12 -30.77 -30.79
CA THR A 7 -16.32 -31.11 -31.52
C THR A 7 -17.51 -30.96 -30.60
N THR A 8 -18.69 -31.35 -31.09
CA THR A 8 -19.94 -31.26 -30.34
C THR A 8 -20.21 -32.56 -29.57
N LEU A 9 -19.83 -32.62 -28.31
CA LEU A 9 -20.01 -33.81 -27.48
C LEU A 9 -21.48 -33.89 -27.11
N PHE A 10 -21.98 -35.12 -27.02
CA PHE A 10 -23.36 -35.30 -26.56
C PHE A 10 -23.35 -35.93 -25.18
N CYS A 11 -24.47 -35.82 -24.47
CA CYS A 11 -24.52 -36.29 -23.09
C CYS A 11 -25.33 -37.55 -22.96
N ALA A 12 -25.06 -38.29 -21.89
CA ALA A 12 -25.79 -39.51 -21.60
C ALA A 12 -26.15 -39.53 -20.12
N SER A 13 -27.32 -40.10 -19.81
CA SER A 13 -27.82 -40.14 -18.44
C SER A 13 -28.90 -41.20 -18.22
N ASP A 14 -29.26 -41.39 -16.94
CA ASP A 14 -30.32 -42.29 -16.50
C ASP A 14 -31.68 -41.65 -16.26
N ALA A 15 -31.95 -40.55 -16.95
CA ALA A 15 -33.24 -39.86 -16.83
C ALA A 15 -34.45 -40.77 -17.06
N LYS A 16 -35.53 -40.46 -16.33
CA LYS A 16 -36.78 -41.20 -16.40
C LYS A 16 -37.88 -40.34 -16.95
N ALA A 17 -38.57 -40.88 -17.94
CA ALA A 17 -39.64 -40.14 -18.58
C ALA A 17 -40.87 -39.92 -17.69
N TYR A 18 -41.01 -40.67 -16.59
CA TYR A 18 -42.22 -40.51 -15.78
C TYR A 18 -41.86 -39.67 -14.55
N GLU A 19 -40.62 -39.22 -14.52
CA GLU A 19 -40.07 -38.38 -13.47
C GLU A 19 -40.08 -36.90 -13.81
N THR A 20 -40.83 -36.14 -13.03
CA THR A 20 -41.02 -34.72 -13.24
C THR A 20 -39.86 -33.87 -12.76
N GLU A 21 -38.86 -34.48 -12.12
CA GLU A 21 -37.72 -33.71 -11.64
C GLU A 21 -37.03 -33.07 -12.87
N VAL A 22 -36.53 -31.86 -12.72
CA VAL A 22 -36.20 -31.05 -13.90
C VAL A 22 -34.93 -31.53 -14.63
N HIS A 23 -33.96 -32.07 -13.90
CA HIS A 23 -32.81 -32.67 -14.55
C HIS A 23 -33.26 -33.89 -15.35
N ASN A 24 -34.17 -34.68 -14.77
CA ASN A 24 -34.68 -35.85 -15.48
C ASN A 24 -35.39 -35.49 -16.76
N VAL A 25 -36.25 -34.48 -16.68
CA VAL A 25 -37.02 -34.06 -17.84
C VAL A 25 -36.07 -33.54 -18.91
N TRP A 26 -35.11 -32.72 -18.49
CA TRP A 26 -34.15 -32.17 -19.45
C TRP A 26 -33.30 -33.24 -20.13
N ALA A 27 -32.71 -34.12 -19.32
CA ALA A 27 -31.87 -35.21 -19.80
C ALA A 27 -32.65 -36.17 -20.69
N THR A 28 -33.94 -36.34 -20.41
CA THR A 28 -34.77 -37.22 -21.23
C THR A 28 -34.79 -36.78 -22.70
N HIS A 29 -34.73 -35.47 -22.96
CA HIS A 29 -34.71 -34.98 -24.34
C HIS A 29 -33.31 -34.70 -24.84
N ALA A 30 -32.40 -34.33 -23.94
CA ALA A 30 -31.07 -33.89 -24.36
C ALA A 30 -30.03 -35.01 -24.44
N CYS A 31 -30.26 -36.09 -23.69
CA CYS A 31 -29.23 -37.09 -23.49
C CYS A 31 -29.64 -38.51 -23.82
N VAL A 32 -28.69 -39.27 -24.35
CA VAL A 32 -28.84 -40.70 -24.56
C VAL A 32 -28.78 -41.44 -23.24
N PRO A 33 -29.37 -42.62 -23.18
CA PRO A 33 -29.29 -43.42 -21.95
C PRO A 33 -27.85 -43.84 -21.67
N THR A 34 -27.44 -43.78 -20.42
CA THR A 34 -26.08 -44.12 -20.02
C THR A 34 -25.77 -45.60 -20.14
N ASP A 35 -24.52 -45.93 -20.42
CA ASP A 35 -24.11 -47.32 -20.51
C ASP A 35 -23.97 -47.97 -19.13
N PRO A 38 -19.81 -50.00 -20.19
CA PRO A 38 -18.79 -49.00 -20.48
C PRO A 38 -17.54 -49.62 -21.06
N GLN A 39 -16.90 -48.94 -22.00
CA GLN A 39 -15.68 -49.45 -22.63
C GLN A 39 -14.50 -48.54 -22.37
N GLU A 40 -13.39 -49.13 -21.93
CA GLU A 40 -12.18 -48.38 -21.67
C GLU A 40 -10.97 -49.12 -22.24
N VAL A 41 -10.22 -48.45 -23.10
CA VAL A 41 -9.07 -49.07 -23.74
C VAL A 41 -7.78 -48.38 -23.34
N LEU A 42 -6.80 -49.18 -22.89
CA LEU A 42 -5.52 -48.63 -22.46
C LEU A 42 -4.55 -48.51 -23.63
N LEU A 43 -4.02 -47.31 -23.81
CA LEU A 43 -3.09 -47.04 -24.90
C LEU A 43 -1.63 -47.17 -24.55
N GLU A 44 -1.03 -48.31 -24.87
CA GLU A 44 0.32 -48.54 -24.42
C GLU A 44 1.42 -47.69 -24.98
N ASN A 45 2.25 -47.27 -24.02
CA ASN A 45 3.47 -46.54 -24.29
C ASN A 45 3.20 -45.21 -24.99
N VAL A 46 1.99 -44.69 -24.84
CA VAL A 46 1.63 -43.38 -25.37
C VAL A 46 1.69 -42.36 -24.22
N THR A 47 2.32 -41.23 -24.52
CA THR A 47 2.27 -40.07 -23.62
C THR A 47 1.62 -38.85 -24.28
N GLU A 48 0.68 -38.24 -23.58
CA GLU A 48 -0.06 -37.14 -24.21
C GLU A 48 -0.17 -35.94 -23.28
N ASN A 49 0.12 -34.76 -23.83
CA ASN A 49 -0.04 -33.51 -23.10
C ASN A 49 -1.51 -33.13 -22.94
N PHE A 50 -1.86 -32.71 -21.73
CA PHE A 50 -3.18 -32.21 -21.41
C PHE A 50 -3.18 -30.75 -20.95
N ASN A 51 -4.32 -30.09 -21.04
CA ASN A 51 -4.48 -28.75 -20.49
C ASN A 51 -5.94 -28.53 -20.12
N MET A 52 -6.27 -28.79 -18.86
CA MET A 52 -7.63 -28.72 -18.35
C MET A 52 -8.22 -27.31 -18.42
N TRP A 53 -7.35 -26.32 -18.52
CA TRP A 53 -7.72 -24.91 -18.51
C TRP A 53 -8.08 -24.43 -19.90
N LYS A 54 -7.83 -25.30 -20.88
CA LYS A 54 -8.17 -24.99 -22.25
C LYS A 54 -8.79 -26.26 -22.78
N ASN A 55 -10.03 -26.50 -22.35
CA ASN A 55 -10.70 -27.75 -22.64
C ASN A 55 -12.12 -27.38 -23.01
N ASN A 56 -12.42 -27.47 -24.29
CA ASN A 56 -13.72 -27.08 -24.80
C ASN A 56 -14.87 -27.90 -24.18
N MET A 57 -14.54 -29.09 -23.64
CA MET A 57 -15.55 -29.91 -22.94
C MET A 57 -16.20 -29.08 -21.82
N VAL A 58 -15.41 -28.23 -21.18
CA VAL A 58 -15.88 -27.39 -20.08
C VAL A 58 -16.92 -26.40 -20.60
N GLU A 59 -16.64 -25.83 -21.77
CA GLU A 59 -17.55 -24.85 -22.37
C GLU A 59 -18.86 -25.54 -22.76
N GLN A 60 -18.75 -26.76 -23.28
CA GLN A 60 -19.95 -27.51 -23.67
C GLN A 60 -20.82 -27.87 -22.47
N MET A 61 -20.21 -28.36 -21.40
CA MET A 61 -20.99 -28.68 -20.21
C MET A 61 -21.66 -27.40 -19.73
N GLN A 62 -20.91 -26.30 -19.75
CA GLN A 62 -21.45 -25.00 -19.33
C GLN A 62 -22.70 -24.65 -20.11
N GLU A 63 -22.63 -24.73 -21.43
CA GLU A 63 -23.80 -24.48 -22.26
C GLU A 63 -24.98 -25.37 -21.92
N ASP A 64 -24.71 -26.65 -21.68
CA ASP A 64 -25.79 -27.56 -21.35
C ASP A 64 -26.47 -27.24 -20.03
N ILE A 65 -25.68 -26.94 -19.00
CA ILE A 65 -26.27 -26.66 -17.71
C ILE A 65 -26.97 -25.31 -17.71
N ILE A 66 -26.41 -24.35 -18.46
CA ILE A 66 -27.10 -23.07 -18.64
C ILE A 66 -28.47 -23.32 -19.25
N SER A 67 -28.52 -24.19 -20.26
CA SER A 67 -29.77 -24.46 -20.95
C SER A 67 -30.76 -25.20 -20.04
N LEU A 68 -30.23 -26.14 -19.26
CA LEU A 68 -31.02 -26.93 -18.30
C LEU A 68 -31.70 -26.01 -17.30
N TRP A 69 -30.91 -25.09 -16.75
CA TRP A 69 -31.40 -24.14 -15.77
C TRP A 69 -32.40 -23.22 -16.41
N ASP A 70 -32.08 -22.74 -17.61
CA ASP A 70 -32.91 -21.77 -18.29
C ASP A 70 -34.28 -22.40 -18.50
N GLN A 71 -34.34 -23.69 -18.82
CA GLN A 71 -35.63 -24.35 -19.01
C GLN A 71 -36.30 -24.72 -17.68
N SER A 72 -35.50 -24.90 -16.63
CA SER A 72 -35.99 -25.54 -15.41
C SER A 72 -36.26 -24.50 -14.32
N LEU A 73 -35.27 -23.65 -14.06
CA LEU A 73 -35.35 -22.66 -12.99
C LEU A 73 -35.57 -21.27 -13.59
N LYS A 74 -36.83 -20.89 -13.67
CA LYS A 74 -37.22 -19.63 -14.26
C LYS A 74 -37.24 -18.63 -13.15
N PRO A 75 -36.44 -17.58 -13.28
CA PRO A 75 -36.63 -16.55 -12.26
C PRO A 75 -37.91 -15.81 -12.60
N CYS A 76 -38.57 -15.26 -11.60
CA CYS A 76 -39.79 -14.51 -11.82
C CYS A 76 -39.41 -13.27 -12.59
N VAL A 77 -38.21 -12.77 -12.33
CA VAL A 77 -37.75 -11.55 -12.98
C VAL A 77 -36.27 -11.67 -13.25
N LYS A 78 -35.86 -11.18 -14.41
CA LYS A 78 -34.46 -11.26 -14.79
C LYS A 78 -34.05 -9.93 -15.39
N LEU A 79 -32.89 -9.45 -14.99
CA LEU A 79 -32.38 -8.16 -15.45
C LEU A 79 -31.01 -8.49 -16.01
N THR A 80 -30.85 -8.32 -17.33
CA THR A 80 -29.56 -8.51 -17.98
C THR A 80 -29.25 -7.42 -18.99
N GLY A 81 -28.06 -6.82 -18.87
CA GLY A 81 -27.60 -5.83 -19.83
C GLY A 81 -28.64 -4.74 -19.91
N GLY A 82 -29.10 -4.34 -18.72
CA GLY A 82 -30.06 -3.26 -18.58
C GLY A 82 -31.45 -3.59 -19.06
N SER A 83 -31.66 -4.79 -19.62
CA SER A 83 -32.96 -5.18 -20.12
C SER A 83 -33.70 -6.10 -19.16
N VAL A 84 -34.99 -5.82 -18.97
CA VAL A 84 -35.75 -6.56 -17.98
C VAL A 84 -36.76 -7.49 -18.63
N ILE A 85 -36.80 -8.73 -18.13
CA ILE A 85 -37.83 -9.72 -18.46
C ILE A 85 -38.58 -10.26 -17.22
N THR A 86 -39.89 -10.44 -17.32
CA THR A 86 -40.61 -11.16 -16.25
C THR A 86 -41.44 -12.32 -16.83
N GLN A 87 -41.63 -13.36 -16.03
CA GLN A 87 -42.26 -14.59 -16.50
C GLN A 87 -42.72 -15.46 -15.34
N ALA A 88 -43.51 -16.49 -15.65
CA ALA A 88 -43.94 -17.45 -14.65
C ALA A 88 -42.73 -18.16 -14.04
N CYS A 89 -42.79 -18.39 -12.73
CA CYS A 89 -41.65 -18.93 -11.98
C CYS A 89 -42.12 -19.99 -10.98
N PRO A 90 -42.66 -21.11 -11.48
CA PRO A 90 -43.15 -22.19 -10.62
C PRO A 90 -42.07 -22.91 -9.82
N LYS A 91 -42.45 -23.44 -8.66
CA LYS A 91 -41.53 -24.27 -7.92
C LYS A 91 -41.40 -25.59 -8.65
N VAL A 92 -40.23 -26.21 -8.52
CA VAL A 92 -39.95 -27.43 -9.25
C VAL A 92 -39.33 -28.44 -8.31
N SER A 93 -39.24 -29.69 -8.76
CA SER A 93 -38.46 -30.68 -8.03
C SER A 93 -37.07 -30.64 -8.65
N PHE A 94 -36.06 -30.60 -7.79
CA PHE A 94 -34.71 -30.28 -8.21
C PHE A 94 -33.73 -31.13 -7.43
N GLU A 95 -33.10 -32.07 -8.14
CA GLU A 95 -32.07 -32.91 -7.56
C GLU A 95 -31.12 -33.36 -8.66
N PRO A 96 -29.90 -32.81 -8.68
CA PRO A 96 -29.01 -33.17 -9.78
C PRO A 96 -28.82 -34.69 -9.94
N ILE A 97 -28.71 -35.13 -11.19
CA ILE A 97 -28.38 -36.50 -11.54
C ILE A 97 -27.05 -36.54 -12.28
N PRO A 98 -26.38 -37.70 -12.28
CA PRO A 98 -25.11 -37.78 -13.01
C PRO A 98 -25.27 -37.63 -14.53
N ILE A 99 -24.43 -36.80 -15.13
CA ILE A 99 -24.41 -36.60 -16.57
C ILE A 99 -23.05 -37.05 -17.13
N HIS A 100 -23.06 -37.84 -18.19
CA HIS A 100 -21.83 -38.25 -18.88
C HIS A 100 -21.58 -37.50 -20.19
N TYR A 101 -20.32 -37.21 -20.52
CA TYR A 101 -20.07 -36.62 -21.83
C TYR A 101 -19.36 -37.60 -22.76
N CYS A 102 -19.91 -37.72 -23.96
CA CYS A 102 -19.51 -38.70 -24.95
C CYS A 102 -19.17 -38.14 -26.33
N THR A 103 -18.20 -38.80 -26.97
CA THR A 103 -17.70 -38.42 -28.30
C THR A 103 -18.46 -39.13 -29.40
N PRO A 104 -18.87 -38.37 -30.41
CA PRO A 104 -19.55 -38.97 -31.56
C PRO A 104 -18.53 -39.69 -32.45
N ALA A 105 -19.01 -40.35 -33.49
CA ALA A 105 -18.14 -41.09 -34.40
C ALA A 105 -17.03 -40.20 -34.95
N GLY A 106 -15.82 -40.75 -35.05
CA GLY A 106 -14.68 -39.99 -35.54
C GLY A 106 -13.83 -39.31 -34.49
N PHE A 107 -14.29 -39.37 -33.24
CA PHE A 107 -13.56 -38.71 -32.15
C PHE A 107 -13.40 -39.68 -30.99
N ALA A 108 -12.39 -39.42 -30.17
CA ALA A 108 -12.12 -40.20 -28.97
C ALA A 108 -11.87 -39.30 -27.77
N ILE A 109 -12.25 -39.75 -26.58
CA ILE A 109 -11.82 -39.08 -25.36
C ILE A 109 -10.58 -39.75 -24.79
N LEU A 110 -9.52 -38.98 -24.60
CA LEU A 110 -8.35 -39.52 -23.93
C LEU A 110 -8.52 -39.15 -22.47
N LYS A 111 -8.12 -40.08 -21.61
CA LYS A 111 -8.20 -39.95 -20.17
C LYS A 111 -6.84 -40.18 -19.56
N CYS A 112 -6.50 -39.29 -18.64
CA CYS A 112 -5.24 -39.37 -17.90
C CYS A 112 -5.45 -40.09 -16.58
N ASN A 113 -4.74 -41.21 -16.41
CA ASN A 113 -4.84 -42.02 -15.21
C ASN A 113 -3.67 -41.88 -14.26
N ASP A 114 -2.75 -40.96 -14.54
CA ASP A 114 -1.63 -40.69 -13.63
C ASP A 114 -2.16 -40.30 -12.25
N ARG A 115 -1.53 -40.79 -11.19
CA ARG A 115 -1.99 -40.42 -9.85
C ARG A 115 -1.53 -39.00 -9.51
N ASN A 116 -2.41 -38.31 -8.81
CA ASN A 116 -2.24 -36.90 -8.44
C ASN A 116 -1.76 -36.12 -9.67
N PHE A 117 -2.36 -36.40 -10.82
CA PHE A 117 -2.08 -35.64 -12.04
C PHE A 117 -2.70 -34.25 -11.93
N ASN A 118 -1.92 -33.20 -12.12
CA ASN A 118 -2.42 -31.83 -11.89
C ASN A 118 -3.26 -31.20 -13.02
N GLY A 119 -3.45 -31.89 -14.13
CA GLY A 119 -4.32 -31.32 -15.14
C GLY A 119 -3.66 -30.70 -16.35
N THR A 120 -2.36 -30.42 -16.26
CA THR A 120 -1.66 -29.87 -17.42
C THR A 120 -0.31 -30.54 -17.56
N GLY A 121 0.20 -30.55 -18.78
CA GLY A 121 1.49 -31.16 -19.01
C GLY A 121 1.28 -32.61 -19.42
N PRO A 122 2.37 -33.39 -19.44
CA PRO A 122 2.37 -34.74 -19.99
C PRO A 122 1.77 -35.80 -19.08
N CYS A 123 0.98 -36.71 -19.66
CA CYS A 123 0.43 -37.83 -18.91
C CYS A 123 1.01 -39.11 -19.51
N LYS A 124 1.55 -39.98 -18.66
CA LYS A 124 2.22 -41.18 -19.15
C LYS A 124 1.39 -42.48 -19.02
N ASN A 125 0.27 -42.42 -18.30
CA ASN A 125 -0.61 -43.58 -18.17
C ASN A 125 -1.96 -43.18 -18.71
N VAL A 126 -2.12 -43.35 -20.02
CA VAL A 126 -3.26 -42.85 -20.77
C VAL A 126 -4.17 -43.94 -21.32
N SER A 127 -5.48 -43.72 -21.23
CA SER A 127 -6.43 -44.65 -21.82
C SER A 127 -7.37 -43.85 -22.70
N THR A 128 -8.12 -44.52 -23.58
CA THR A 128 -9.25 -43.90 -24.24
C THR A 128 -10.58 -44.37 -23.64
N VAL A 129 -11.56 -43.46 -23.57
CA VAL A 129 -12.93 -43.83 -23.16
C VAL A 129 -14.04 -43.36 -24.11
N GLN A 130 -15.14 -44.10 -24.13
CA GLN A 130 -16.28 -43.71 -24.95
C GLN A 130 -17.00 -42.51 -24.31
N CYS A 131 -17.07 -42.50 -22.97
CA CYS A 131 -17.70 -41.41 -22.21
C CYS A 131 -16.92 -41.09 -20.95
N THR A 132 -17.13 -39.89 -20.40
CA THR A 132 -16.60 -39.56 -19.08
C THR A 132 -17.36 -40.33 -18.01
N HIS A 133 -16.86 -40.28 -16.78
CA HIS A 133 -17.63 -40.74 -15.63
C HIS A 133 -18.86 -39.83 -15.45
N GLY A 134 -19.79 -40.25 -14.60
CA GLY A 134 -21.02 -39.50 -14.41
C GLY A 134 -20.80 -38.32 -13.47
N ILE A 135 -21.12 -37.14 -13.98
CA ILE A 135 -20.89 -35.89 -13.27
C ILE A 135 -22.21 -35.23 -12.89
N LYS A 136 -22.43 -35.04 -11.61
CA LYS A 136 -23.61 -34.29 -11.17
C LYS A 136 -23.35 -32.80 -11.37
N PRO A 137 -24.22 -32.10 -12.11
CA PRO A 137 -23.91 -30.70 -12.41
C PRO A 137 -24.30 -29.80 -11.24
N VAL A 138 -23.58 -29.94 -10.14
CA VAL A 138 -23.88 -29.20 -8.92
C VAL A 138 -23.37 -27.77 -9.03
N VAL A 139 -24.29 -26.82 -8.93
CA VAL A 139 -23.96 -25.41 -8.93
C VAL A 139 -23.74 -24.86 -7.54
N SER A 140 -22.52 -24.41 -7.27
CA SER A 140 -22.20 -23.87 -5.98
C SER A 140 -20.99 -22.96 -6.03
N THR A 141 -20.78 -22.21 -4.96
CA THR A 141 -19.55 -21.43 -4.79
C THR A 141 -18.80 -21.87 -3.54
N GLN A 142 -17.51 -21.59 -3.50
CA GLN A 142 -16.64 -21.84 -2.33
C GLN A 142 -16.39 -23.31 -2.10
N LEU A 143 -17.48 -24.07 -1.95
CA LEU A 143 -17.37 -25.48 -1.68
C LEU A 143 -17.84 -26.24 -2.89
N LEU A 144 -17.11 -27.30 -3.25
CA LEU A 144 -17.53 -28.19 -4.32
C LEU A 144 -18.24 -29.38 -3.68
N LEU A 145 -19.44 -29.66 -4.17
CA LEU A 145 -20.30 -30.61 -3.49
C LEU A 145 -20.61 -31.81 -4.36
N ASN A 146 -20.65 -32.99 -3.74
CA ASN A 146 -21.08 -34.19 -4.43
C ASN A 146 -20.25 -34.55 -5.64
N GLY A 147 -18.97 -34.19 -5.64
CA GLY A 147 -18.10 -34.55 -6.74
C GLY A 147 -17.36 -35.85 -6.49
N SER A 148 -16.25 -36.04 -7.18
CA SER A 148 -15.46 -37.26 -7.08
C SER A 148 -14.21 -37.00 -6.26
N LEU A 149 -13.86 -37.93 -5.39
CA LEU A 149 -12.69 -37.71 -4.57
C LEU A 149 -11.46 -38.13 -5.34
N ALA A 150 -10.33 -37.53 -5.05
CA ALA A 150 -9.09 -38.06 -5.57
C ALA A 150 -8.85 -39.43 -4.93
N GLU A 151 -8.22 -40.32 -5.68
CA GLU A 151 -8.05 -41.70 -5.26
C GLU A 151 -6.87 -41.72 -4.28
N ALA A 152 -5.83 -40.93 -4.53
CA ALA A 152 -4.58 -41.10 -3.81
C ALA A 152 -4.38 -39.89 -2.90
N GLU A 153 -3.76 -38.82 -3.34
CA GLU A 153 -3.45 -37.74 -2.40
C GLU A 153 -4.31 -36.51 -2.69
N VAL A 154 -4.38 -35.57 -1.74
CA VAL A 154 -5.14 -34.34 -1.96
C VAL A 154 -4.47 -33.65 -3.13
N VAL A 155 -5.25 -33.05 -4.03
CA VAL A 155 -4.62 -32.32 -5.13
C VAL A 155 -5.11 -30.87 -5.26
N ILE A 156 -4.17 -29.96 -5.51
CA ILE A 156 -4.53 -28.59 -5.82
C ILE A 156 -4.14 -28.29 -7.26
N ARG A 157 -5.00 -27.58 -7.98
CA ARG A 157 -4.72 -27.30 -9.38
C ARG A 157 -4.97 -25.84 -9.70
N SER A 158 -4.10 -25.25 -10.51
CA SER A 158 -4.31 -23.87 -10.92
C SER A 158 -3.73 -23.69 -12.31
N GLU A 159 -4.34 -22.82 -13.09
CA GLU A 159 -3.81 -22.54 -14.42
C GLU A 159 -2.43 -21.88 -14.33
N ASN A 160 -2.18 -21.18 -13.23
CA ASN A 160 -0.89 -20.55 -12.98
C ASN A 160 -0.84 -20.09 -11.53
N PHE A 161 -0.15 -20.86 -10.69
CA PHE A 161 -0.08 -20.57 -9.27
C PHE A 161 0.52 -19.19 -8.99
N THR A 162 1.43 -18.73 -9.84
CA THR A 162 2.10 -17.46 -9.54
C THR A 162 1.14 -16.32 -9.82
N ASN A 163 0.08 -16.58 -10.59
CA ASN A 163 -0.91 -15.53 -10.83
C ASN A 163 -2.04 -15.71 -9.81
N ASN A 164 -2.10 -14.86 -8.79
CA ASN A 164 -3.09 -15.02 -7.71
C ASN A 164 -4.53 -14.80 -8.22
N ALA A 165 -4.66 -14.30 -9.44
CA ALA A 165 -5.99 -14.08 -10.01
C ALA A 165 -6.60 -15.38 -10.49
N LYS A 166 -5.77 -16.40 -10.64
CA LYS A 166 -6.28 -17.64 -11.20
C LYS A 166 -6.76 -18.42 -9.99
N THR A 167 -7.96 -18.96 -10.09
CA THR A 167 -8.56 -19.70 -8.99
C THR A 167 -7.82 -21.01 -8.78
N ILE A 168 -7.68 -21.40 -7.51
CA ILE A 168 -7.06 -22.66 -7.16
C ILE A 168 -8.19 -23.65 -6.87
N ILE A 169 -8.19 -24.75 -7.62
CA ILE A 169 -9.17 -25.81 -7.46
C ILE A 169 -8.65 -26.96 -6.64
N ILE A 170 -9.23 -27.16 -5.47
CA ILE A 170 -8.85 -28.22 -4.57
C ILE A 170 -9.75 -29.45 -4.69
N GLN A 171 -9.12 -30.62 -4.84
CA GLN A 171 -9.78 -31.90 -4.89
C GLN A 171 -9.39 -32.67 -3.63
N LEU A 172 -10.36 -32.86 -2.73
CA LEU A 172 -10.10 -33.62 -1.51
C LEU A 172 -9.99 -35.09 -1.84
N ASN A 173 -9.31 -35.85 -0.98
CA ASN A 173 -9.28 -37.30 -1.12
C ASN A 173 -10.12 -38.05 -0.10
N GLU A 174 -10.64 -37.34 0.89
CA GLU A 174 -11.64 -37.90 1.79
C GLU A 174 -12.71 -36.83 1.95
N THR A 175 -13.98 -37.21 1.79
CA THR A 175 -15.07 -36.24 1.87
C THR A 175 -15.38 -35.70 3.23
N VAL A 176 -15.93 -34.51 3.23
CA VAL A 176 -16.47 -33.94 4.45
C VAL A 176 -17.95 -33.68 4.32
N GLU A 177 -18.75 -34.36 5.14
CA GLU A 177 -20.19 -34.23 5.05
C GLU A 177 -20.65 -32.92 5.65
N ILE A 178 -21.58 -32.30 4.94
CA ILE A 178 -22.18 -31.06 5.36
C ILE A 178 -23.70 -31.24 5.33
N ASN A 179 -24.36 -30.97 6.46
CA ASN A 179 -25.80 -31.17 6.52
C ASN A 179 -26.51 -29.85 6.63
N CYS A 180 -27.34 -29.54 5.66
CA CYS A 180 -27.96 -28.25 5.64
C CYS A 180 -29.47 -28.36 5.73
N THR A 181 -30.10 -27.61 6.63
CA THR A 181 -31.52 -27.74 6.87
C THR A 181 -32.12 -26.34 7.08
N ARG A 182 -33.23 -26.05 6.41
CA ARG A 182 -34.15 -25.00 6.81
C ARG A 182 -35.36 -25.62 7.48
N PRO A 183 -35.47 -25.47 8.81
CA PRO A 183 -36.50 -26.17 9.60
C PRO A 183 -37.90 -25.67 9.24
N ASN A 184 -38.95 -26.31 9.77
CA ASN A 184 -40.32 -25.79 9.57
C ASN A 184 -40.47 -24.36 10.06
N ILE A 194 -38.57 -17.09 7.75
CA ILE A 194 -38.51 -18.35 7.00
C ILE A 194 -37.28 -18.47 6.11
N ARG A 195 -36.56 -17.38 5.90
CA ARG A 195 -35.41 -17.43 4.98
C ARG A 195 -34.14 -17.91 5.69
N GLN A 196 -34.24 -18.19 7.00
CA GLN A 196 -33.12 -18.63 7.82
C GLN A 196 -32.95 -20.16 7.81
N ALA A 197 -31.71 -20.59 7.59
CA ALA A 197 -31.35 -22.01 7.51
C ALA A 197 -29.99 -22.21 8.13
N HIS A 198 -29.53 -23.45 8.25
CA HIS A 198 -28.17 -23.66 8.75
C HIS A 198 -27.53 -24.95 8.23
N CYS A 199 -26.20 -24.97 8.31
CA CYS A 199 -25.38 -26.12 7.95
C CYS A 199 -24.55 -26.61 9.12
N ASN A 200 -24.40 -27.92 9.22
CA ASN A 200 -23.52 -28.50 10.20
C ASN A 200 -22.36 -29.24 9.58
N ILE A 201 -21.19 -29.12 10.23
CA ILE A 201 -20.06 -29.95 9.83
C ILE A 201 -19.14 -30.24 11.02
N SER A 202 -18.39 -31.32 10.89
CA SER A 202 -17.46 -31.78 11.92
C SER A 202 -16.31 -30.80 12.10
N ARG A 203 -16.04 -30.37 13.33
CA ARG A 203 -14.97 -29.42 13.55
C ARG A 203 -13.67 -30.17 13.26
N ALA A 204 -13.56 -31.39 13.80
CA ALA A 204 -12.36 -32.21 13.63
C ALA A 204 -12.07 -32.67 12.19
N THR A 205 -13.13 -33.04 11.44
CA THR A 205 -12.98 -33.48 10.06
C THR A 205 -12.49 -32.32 9.20
N TRP A 206 -13.07 -31.15 9.46
CA TRP A 206 -12.71 -29.96 8.73
C TRP A 206 -11.28 -29.59 9.04
N ASN A 207 -10.88 -29.68 10.30
CA ASN A 207 -9.50 -29.38 10.64
C ASN A 207 -8.52 -30.34 9.97
N SER A 208 -8.83 -31.63 9.95
CA SER A 208 -7.97 -32.59 9.23
C SER A 208 -7.84 -32.23 7.74
N THR A 209 -8.94 -31.79 7.17
CA THR A 209 -8.97 -31.46 5.75
C THR A 209 -8.11 -30.23 5.48
N LEU A 210 -8.26 -29.22 6.33
CA LEU A 210 -7.48 -28.02 6.23
C LEU A 210 -6.02 -28.39 6.37
N LYS A 211 -5.70 -29.28 7.30
CA LYS A 211 -4.32 -29.70 7.53
C LYS A 211 -3.71 -30.34 6.26
N LYS A 212 -4.50 -31.15 5.55
CA LYS A 212 -3.98 -31.77 4.32
C LYS A 212 -3.82 -30.74 3.20
N ILE A 213 -4.72 -29.77 3.17
CA ILE A 213 -4.58 -28.70 2.18
C ILE A 213 -3.36 -27.84 2.48
N VAL A 214 -3.19 -27.49 3.74
CA VAL A 214 -2.05 -26.68 4.14
C VAL A 214 -0.78 -27.38 3.72
N ALA A 215 -0.72 -28.70 3.91
CA ALA A 215 0.45 -29.45 3.45
C ALA A 215 0.69 -29.35 1.94
N LYS A 216 -0.37 -29.50 1.13
CA LYS A 216 -0.16 -29.43 -0.32
C LYS A 216 0.19 -28.03 -0.81
N LEU A 217 -0.36 -27.02 -0.13
CA LEU A 217 -0.04 -25.65 -0.48
C LEU A 217 1.39 -25.33 -0.08
N ARG A 218 1.84 -25.82 1.07
CA ARG A 218 3.24 -25.61 1.44
C ARG A 218 4.16 -26.26 0.43
N GLU A 219 3.81 -27.45 -0.06
CA GLU A 219 4.60 -28.05 -1.12
C GLU A 219 4.64 -27.11 -2.32
N GLN A 220 3.53 -26.44 -2.59
CA GLN A 220 3.54 -25.60 -3.78
C GLN A 220 4.27 -24.26 -3.58
N PHE A 221 4.04 -23.56 -2.48
CA PHE A 221 4.58 -22.21 -2.40
C PHE A 221 5.81 -22.01 -1.53
N GLY A 222 6.12 -22.99 -0.66
CA GLY A 222 7.32 -22.93 0.16
C GLY A 222 6.71 -23.15 1.53
N ASN A 223 7.27 -23.93 2.45
CA ASN A 223 6.58 -24.05 3.75
C ASN A 223 6.52 -22.70 4.54
N LYS A 224 5.98 -21.71 3.84
CA LYS A 224 5.52 -20.41 4.37
C LYS A 224 4.33 -20.62 5.32
N THR A 225 4.19 -19.79 6.35
CA THR A 225 2.92 -19.84 7.08
C THR A 225 1.66 -19.66 6.23
N ILE A 226 0.69 -20.55 6.42
CA ILE A 226 -0.52 -20.55 5.61
C ILE A 226 -1.69 -20.00 6.43
N VAL A 227 -2.47 -19.03 5.95
CA VAL A 227 -3.59 -18.53 6.76
C VAL A 227 -4.84 -18.63 5.89
N PHE A 228 -5.95 -19.05 6.49
CA PHE A 228 -7.24 -18.93 5.86
C PHE A 228 -8.06 -17.79 6.48
N GLN A 229 -8.67 -16.96 5.62
CA GLN A 229 -9.53 -15.84 6.02
C GLN A 229 -10.81 -15.86 5.18
N PRO A 230 -11.90 -15.23 5.69
CA PRO A 230 -13.07 -15.36 4.80
C PRO A 230 -13.04 -14.60 3.50
N SER A 231 -14.01 -14.91 2.63
CA SER A 231 -14.21 -14.16 1.41
C SER A 231 -14.42 -12.73 1.85
N SER A 232 -14.03 -11.75 1.05
CA SER A 232 -14.30 -10.38 1.48
C SER A 232 -14.21 -9.44 0.30
N GLY A 233 -15.29 -8.72 0.03
CA GLY A 233 -15.27 -7.73 -1.02
C GLY A 233 -16.27 -7.83 -2.14
N GLY A 234 -16.65 -9.03 -2.57
CA GLY A 234 -17.59 -9.09 -3.67
C GLY A 234 -19.06 -9.35 -3.44
N ASP A 235 -19.66 -9.96 -4.45
CA ASP A 235 -21.06 -10.35 -4.50
C ASP A 235 -21.35 -11.42 -3.47
N PRO A 236 -22.58 -11.43 -2.94
CA PRO A 236 -22.91 -12.43 -1.93
C PRO A 236 -22.60 -13.83 -2.44
N GLU A 237 -22.73 -14.05 -3.74
CA GLU A 237 -22.42 -15.34 -4.34
C GLU A 237 -20.99 -15.81 -4.09
N ILE A 238 -20.01 -14.90 -4.00
CA ILE A 238 -18.66 -15.40 -3.76
C ILE A 238 -18.20 -15.16 -2.32
N VAL A 239 -18.87 -14.25 -1.61
CA VAL A 239 -18.62 -14.06 -0.17
C VAL A 239 -19.16 -15.19 0.70
N MET A 240 -20.32 -15.73 0.33
CA MET A 240 -20.91 -16.83 1.07
C MET A 240 -20.72 -18.10 0.26
N HIS A 241 -20.93 -19.25 0.90
CA HIS A 241 -21.07 -20.53 0.21
C HIS A 241 -22.50 -20.64 -0.32
N SER A 242 -22.66 -20.58 -1.62
CA SER A 242 -24.00 -20.61 -2.20
C SER A 242 -24.23 -21.87 -2.99
N PHE A 243 -25.45 -22.38 -2.95
CA PHE A 243 -25.72 -23.66 -3.59
C PHE A 243 -27.22 -23.81 -3.70
N ASN A 244 -27.67 -24.78 -4.47
CA ASN A 244 -29.10 -25.01 -4.57
C ASN A 244 -29.56 -26.30 -3.93
N CYS A 245 -30.50 -26.18 -3.00
CA CYS A 245 -31.08 -27.34 -2.37
C CYS A 245 -32.59 -27.34 -2.57
N GLY A 246 -33.10 -28.36 -3.26
CA GLY A 246 -34.52 -28.51 -3.40
C GLY A 246 -35.14 -27.36 -4.17
N GLY A 247 -34.33 -26.67 -4.97
CA GLY A 247 -34.85 -25.57 -5.77
C GLY A 247 -34.60 -24.24 -5.08
N GLU A 248 -34.18 -24.27 -3.83
CA GLU A 248 -33.96 -23.04 -3.09
C GLU A 248 -32.48 -22.63 -3.08
N PHE A 249 -32.22 -21.33 -3.20
CA PHE A 249 -30.84 -20.85 -3.17
C PHE A 249 -30.37 -20.54 -1.76
N PHE A 250 -29.43 -21.35 -1.30
CA PHE A 250 -28.90 -21.25 0.04
C PHE A 250 -27.62 -20.43 -0.02
N TYR A 251 -27.47 -19.50 0.91
CA TYR A 251 -26.26 -18.72 1.11
C TYR A 251 -25.72 -18.87 2.55
N CYS A 252 -24.64 -19.61 2.69
CA CYS A 252 -24.08 -19.97 3.99
C CYS A 252 -22.78 -19.24 4.36
N ASN A 253 -22.80 -18.57 5.51
CA ASN A 253 -21.63 -17.87 6.03
C ASN A 253 -20.51 -18.84 6.40
N THR A 254 -19.36 -18.75 5.71
CA THR A 254 -18.30 -19.73 5.89
C THR A 254 -17.10 -19.19 6.64
N THR A 255 -17.29 -18.07 7.33
CA THR A 255 -16.24 -17.45 8.15
C THR A 255 -15.57 -18.45 9.10
N GLN A 256 -16.36 -19.28 9.77
CA GLN A 256 -15.82 -20.22 10.77
C GLN A 256 -14.93 -21.30 10.14
N LEU A 257 -15.18 -21.59 8.85
CA LEU A 257 -14.45 -22.61 8.12
C LEU A 257 -13.07 -22.12 7.68
N PHE A 258 -12.99 -20.82 7.47
CA PHE A 258 -11.85 -20.18 6.82
C PHE A 258 -11.28 -19.14 7.74
N ASN A 259 -11.26 -19.45 9.02
CA ASN A 259 -10.54 -18.56 9.89
C ASN A 259 -9.53 -19.43 10.68
N SER A 260 -8.27 -19.36 10.23
CA SER A 260 -7.21 -20.32 10.66
C SER A 260 -5.76 -19.85 10.39
N THR A 261 -4.84 -20.01 11.33
CA THR A 261 -3.43 -19.79 10.98
C THR A 261 -2.60 -21.06 11.17
N TRP A 262 -1.73 -21.35 10.21
CA TRP A 262 -0.88 -22.53 10.26
C TRP A 262 0.60 -22.18 10.15
N ASN A 263 1.31 -22.49 11.24
CA ASN A 263 2.71 -22.14 11.45
C ASN A 263 3.63 -23.34 11.63
N SER A 264 3.54 -23.93 12.81
CA SER A 264 4.51 -24.90 13.30
C SER A 264 3.86 -25.94 14.22
N GLU A 273 -13.16 -30.24 17.34
CA GLU A 273 -13.91 -30.87 18.42
C GLU A 273 -15.27 -30.22 18.55
N GLY A 274 -16.30 -30.95 18.11
CA GLY A 274 -17.67 -30.49 18.22
C GLY A 274 -18.31 -30.34 16.84
N THR A 275 -19.43 -29.65 16.78
CA THR A 275 -19.99 -29.29 15.48
C THR A 275 -19.79 -27.81 15.20
N ILE A 276 -19.47 -27.51 13.95
CA ILE A 276 -19.55 -26.19 13.38
C ILE A 276 -20.96 -25.95 12.83
N THR A 277 -21.59 -24.86 13.25
CA THR A 277 -22.88 -24.50 12.68
C THR A 277 -22.76 -23.21 11.87
N LEU A 278 -23.08 -23.30 10.58
CA LEU A 278 -23.00 -22.18 9.66
C LEU A 278 -24.39 -21.59 9.50
N PRO A 279 -24.53 -20.28 9.77
CA PRO A 279 -25.81 -19.62 9.50
C PRO A 279 -26.02 -19.40 8.01
N CYS A 280 -27.21 -19.70 7.51
CA CYS A 280 -27.50 -19.49 6.11
C CYS A 280 -28.77 -18.67 5.95
N ARG A 281 -28.95 -18.12 4.75
CA ARG A 281 -30.18 -17.46 4.39
C ARG A 281 -30.56 -18.02 3.05
N ILE A 282 -31.84 -18.26 2.83
CA ILE A 282 -32.33 -18.59 1.50
C ILE A 282 -32.67 -17.27 0.85
N LYS A 283 -32.08 -17.02 -0.32
CA LYS A 283 -32.29 -15.74 -0.98
C LYS A 283 -33.18 -15.88 -2.19
N GLN A 284 -34.00 -14.86 -2.40
CA GLN A 284 -34.81 -14.77 -3.58
C GLN A 284 -34.14 -13.98 -4.70
N ILE A 285 -33.38 -12.95 -4.31
CA ILE A 285 -32.73 -12.10 -5.28
C ILE A 285 -31.24 -12.43 -5.36
N ILE A 286 -30.83 -12.97 -6.49
CA ILE A 286 -29.48 -13.47 -6.67
C ILE A 286 -28.76 -12.87 -7.88
N ASN A 287 -27.44 -12.73 -7.80
CA ASN A 287 -26.66 -12.51 -9.03
C ASN A 287 -26.50 -13.81 -9.81
N MET A 288 -26.78 -13.78 -11.10
CA MET A 288 -26.76 -14.98 -11.93
C MET A 288 -25.35 -15.43 -12.32
N TRP A 289 -25.16 -16.74 -12.34
CA TRP A 289 -23.94 -17.32 -12.85
C TRP A 289 -23.98 -17.56 -14.37
N GLN A 290 -25.18 -17.66 -14.95
CA GLN A 290 -25.30 -17.95 -16.38
C GLN A 290 -24.84 -16.75 -17.20
N GLU A 291 -25.12 -15.56 -16.68
CA GLU A 291 -24.84 -14.32 -17.38
C GLU A 291 -24.81 -13.15 -16.41
N VAL A 292 -24.22 -12.04 -16.83
CA VAL A 292 -24.15 -10.87 -15.95
C VAL A 292 -25.56 -10.31 -15.87
N GLY A 293 -26.09 -10.27 -14.66
CA GLY A 293 -27.39 -9.70 -14.42
C GLY A 293 -27.87 -10.21 -13.09
N LYS A 294 -29.10 -9.86 -12.73
CA LYS A 294 -29.64 -10.27 -11.45
C LYS A 294 -30.97 -10.94 -11.73
N ALA A 295 -31.37 -11.84 -10.84
CA ALA A 295 -32.61 -12.58 -11.04
C ALA A 295 -33.35 -12.79 -9.73
N MET A 296 -34.67 -12.77 -9.81
CA MET A 296 -35.50 -13.01 -8.65
C MET A 296 -36.37 -14.24 -8.92
N TYR A 297 -36.30 -15.16 -7.97
CA TYR A 297 -37.07 -16.40 -7.95
C TYR A 297 -38.15 -16.24 -6.87
N ALA A 298 -39.08 -17.20 -6.80
CA ALA A 298 -40.13 -17.14 -5.79
C ALA A 298 -39.66 -17.51 -4.38
N PRO A 299 -40.41 -17.09 -3.34
CA PRO A 299 -40.01 -17.39 -1.96
C PRO A 299 -39.93 -18.90 -1.71
N PRO A 300 -39.28 -19.32 -0.62
CA PRO A 300 -39.06 -20.73 -0.33
C PRO A 300 -40.37 -21.51 -0.20
N ILE A 301 -40.39 -22.76 -0.63
CA ILE A 301 -41.54 -23.60 -0.32
C ILE A 301 -41.62 -23.73 1.20
N GLU A 302 -42.80 -24.06 1.71
CA GLU A 302 -42.97 -24.30 3.13
C GLU A 302 -42.51 -25.71 3.51
N GLY A 303 -42.24 -25.93 4.80
CA GLY A 303 -41.84 -27.23 5.32
C GLY A 303 -40.33 -27.31 5.50
N GLN A 304 -39.83 -28.43 6.02
CA GLN A 304 -38.38 -28.66 6.14
C GLN A 304 -37.71 -28.85 4.78
N ILE A 305 -36.64 -28.09 4.54
CA ILE A 305 -35.78 -28.26 3.37
C ILE A 305 -34.37 -28.72 3.76
N ARG A 306 -33.92 -29.88 3.30
CA ARG A 306 -32.65 -30.41 3.82
C ARG A 306 -31.85 -31.12 2.73
N CYS A 307 -30.54 -30.82 2.73
CA CYS A 307 -29.58 -31.51 1.88
C CYS A 307 -28.38 -31.98 2.66
N SER A 308 -28.01 -33.24 2.48
CA SER A 308 -26.78 -33.72 3.08
C SER A 308 -25.84 -33.98 1.92
N SER A 309 -24.73 -33.26 1.89
CA SER A 309 -23.85 -33.27 0.74
C SER A 309 -22.41 -33.60 1.14
N ASN A 310 -21.69 -34.21 0.22
CA ASN A 310 -20.25 -34.39 0.39
C ASN A 310 -19.45 -33.22 -0.14
N ILE A 311 -18.69 -32.58 0.72
CA ILE A 311 -17.73 -31.60 0.25
C ILE A 311 -16.60 -32.46 -0.28
N THR A 312 -16.37 -32.35 -1.58
CA THR A 312 -15.36 -33.15 -2.26
C THR A 312 -14.27 -32.26 -2.84
N GLY A 313 -14.50 -30.96 -2.75
CA GLY A 313 -13.55 -30.00 -3.28
C GLY A 313 -13.76 -28.59 -2.77
N LEU A 314 -12.82 -27.71 -3.09
CA LEU A 314 -12.93 -26.31 -2.69
C LEU A 314 -12.44 -25.39 -3.79
N LEU A 315 -12.95 -24.17 -3.83
CA LEU A 315 -12.36 -23.14 -4.67
C LEU A 315 -11.74 -22.03 -3.85
N LEU A 316 -10.46 -21.78 -4.05
CA LEU A 316 -9.77 -20.78 -3.23
C LEU A 316 -9.15 -19.74 -4.15
N THR A 317 -8.96 -18.54 -3.61
CA THR A 317 -8.12 -17.53 -4.23
C THR A 317 -7.04 -17.16 -3.25
N ARG A 318 -5.93 -16.67 -3.76
CA ARG A 318 -4.83 -16.24 -2.90
C ARG A 318 -4.53 -14.77 -2.95
N ASP A 319 -4.33 -14.18 -1.77
CA ASP A 319 -4.11 -12.75 -1.68
C ASP A 319 -2.74 -12.46 -2.31
N GLY A 320 -2.56 -11.23 -2.77
CA GLY A 320 -1.37 -10.84 -3.51
C GLY A 320 -0.94 -9.44 -3.11
N GLY A 321 0.09 -8.92 -3.76
CA GLY A 321 0.65 -7.63 -3.41
C GLY A 321 1.88 -7.77 -2.54
N ASN A 322 2.23 -6.73 -1.80
CA ASN A 322 3.42 -6.75 -0.96
C ASN A 322 3.36 -7.79 0.15
N ASN A 323 4.44 -8.55 0.29
CA ASN A 323 4.59 -9.48 1.39
C ASN A 323 6.05 -9.53 1.80
N ASN A 324 6.34 -10.14 2.94
CA ASN A 324 7.72 -10.26 3.39
C ASN A 324 8.52 -11.14 2.44
N LYS A 325 9.69 -10.68 2.03
CA LYS A 325 10.54 -11.50 1.17
C LYS A 325 11.10 -12.75 1.87
N THR A 326 11.61 -12.56 3.08
CA THR A 326 12.25 -13.65 3.82
C THR A 326 11.33 -14.77 4.28
N ASN A 327 10.18 -14.37 4.83
CA ASN A 327 9.24 -15.34 5.38
C ASN A 327 7.83 -15.06 4.92
N GLY A 328 7.57 -15.31 3.65
CA GLY A 328 6.26 -15.03 3.09
C GLY A 328 5.19 -15.87 3.74
N THR A 329 4.04 -15.25 4.00
CA THR A 329 2.88 -15.96 4.48
C THR A 329 1.78 -15.82 3.46
N GLU A 330 1.16 -16.94 3.10
CA GLU A 330 0.15 -16.93 2.04
C GLU A 330 -1.24 -16.90 2.64
N ILE A 331 -2.04 -15.93 2.19
CA ILE A 331 -3.42 -15.81 2.66
C ILE A 331 -4.42 -16.30 1.62
N PHE A 332 -5.25 -17.25 2.03
CA PHE A 332 -6.28 -17.83 1.15
C PHE A 332 -7.75 -17.58 1.54
N ARG A 333 -8.60 -17.37 0.54
CA ARG A 333 -9.99 -17.06 0.79
C ARG A 333 -10.88 -17.92 -0.08
N PRO A 334 -12.11 -18.21 0.38
CA PRO A 334 -12.98 -19.00 -0.48
C PRO A 334 -13.27 -18.17 -1.73
N GLY A 335 -13.32 -18.82 -2.88
CA GLY A 335 -13.54 -18.14 -4.14
C GLY A 335 -14.61 -18.79 -4.97
N GLY A 336 -14.43 -18.77 -6.28
CA GLY A 336 -15.44 -19.31 -7.17
C GLY A 336 -16.25 -18.20 -7.81
N GLY A 337 -17.32 -18.59 -8.50
CA GLY A 337 -18.14 -17.63 -9.21
C GLY A 337 -18.32 -18.12 -10.63
N ASP A 338 -17.21 -18.39 -11.30
CA ASP A 338 -17.23 -18.99 -12.62
C ASP A 338 -17.44 -20.50 -12.49
N MET A 339 -18.61 -20.98 -12.91
CA MET A 339 -18.98 -22.40 -12.72
C MET A 339 -18.19 -23.33 -13.64
N ARG A 340 -17.51 -22.74 -14.61
CA ARG A 340 -16.61 -23.48 -15.48
C ARG A 340 -15.56 -24.18 -14.64
N ASP A 341 -15.15 -23.55 -13.55
CA ASP A 341 -14.21 -24.18 -12.65
C ASP A 341 -14.80 -25.39 -11.94
N ASN A 342 -16.10 -25.32 -11.63
CA ASN A 342 -16.79 -26.49 -11.13
C ASN A 342 -16.69 -27.62 -12.13
N TRP A 343 -16.97 -27.34 -13.40
CA TRP A 343 -16.95 -28.45 -14.33
C TRP A 343 -15.54 -28.99 -14.55
N ARG A 344 -14.55 -28.13 -14.70
CA ARG A 344 -13.15 -28.59 -14.86
C ARG A 344 -12.71 -29.45 -13.68
N SER A 345 -13.25 -29.20 -12.49
CA SER A 345 -12.85 -29.98 -11.31
C SER A 345 -13.22 -31.45 -11.48
N GLU A 346 -14.10 -31.74 -12.43
CA GLU A 346 -14.50 -33.10 -12.73
C GLU A 346 -13.94 -33.52 -14.10
N LEU A 347 -13.75 -32.54 -14.98
CA LEU A 347 -13.34 -32.79 -16.36
C LEU A 347 -11.83 -32.77 -16.63
N TYR A 348 -11.03 -32.54 -15.59
CA TYR A 348 -9.59 -32.32 -15.76
C TYR A 348 -8.80 -33.49 -16.36
N LYS A 349 -9.29 -34.72 -16.21
CA LYS A 349 -8.55 -35.88 -16.73
C LYS A 349 -8.89 -36.25 -18.19
N TYR A 350 -9.75 -35.49 -18.83
CA TYR A 350 -10.21 -35.84 -20.16
C TYR A 350 -9.87 -34.77 -21.20
N LYS A 351 -9.71 -35.20 -22.45
CA LYS A 351 -9.65 -34.25 -23.57
C LYS A 351 -10.24 -34.98 -24.77
N VAL A 352 -10.65 -34.23 -25.78
CA VAL A 352 -11.22 -34.85 -26.97
C VAL A 352 -10.23 -34.73 -28.11
N VAL A 353 -10.04 -35.84 -28.82
CA VAL A 353 -9.12 -35.88 -29.93
C VAL A 353 -9.84 -36.41 -31.16
N LYS A 354 -9.41 -35.98 -32.35
CA LYS A 354 -10.00 -36.55 -33.55
C LYS A 354 -9.12 -37.76 -33.98
N ILE A 355 -9.69 -38.91 -34.27
CA ILE A 355 -8.83 -40.03 -34.69
C ILE A 355 -8.49 -39.98 -36.18
N MET B 2 -11.67 13.55 -2.53
CA MET B 2 -10.87 12.73 -1.63
C MET B 2 -10.01 13.61 -0.72
N LYS B 3 -10.25 13.49 0.58
CA LYS B 3 -9.50 14.22 1.59
C LYS B 3 -9.18 13.35 2.80
N LEU B 4 -7.97 13.50 3.31
CA LEU B 4 -7.61 13.04 4.65
C LEU B 4 -7.30 14.25 5.49
N MET B 5 -8.16 14.54 6.47
CA MET B 5 -7.90 15.66 7.36
C MET B 5 -7.26 15.16 8.66
N GLN B 6 -6.00 15.56 8.90
CA GLN B 6 -5.29 15.13 10.10
C GLN B 6 -5.64 16.03 11.27
N SER B 7 -5.11 15.69 12.46
CA SER B 7 -5.63 16.26 13.70
C SER B 7 -4.63 17.01 14.57
N GLY B 8 -3.35 16.73 14.42
CA GLY B 8 -2.33 17.19 15.37
C GLY B 8 -2.17 18.69 15.45
N GLY B 9 -0.99 19.15 15.88
CA GLY B 9 0.05 18.27 16.38
C GLY B 9 -0.01 18.13 17.88
N VAL B 10 1.09 17.69 18.49
CA VAL B 10 1.12 17.38 19.92
C VAL B 10 2.49 17.74 20.52
N MET B 11 2.49 18.18 21.79
CA MET B 11 3.71 18.42 22.55
C MET B 11 3.63 17.58 23.82
N VAL B 12 4.75 17.05 24.27
CA VAL B 12 4.72 15.97 25.24
C VAL B 12 6.08 15.71 25.90
N ARG B 13 6.07 15.40 27.18
CA ARG B 13 7.29 15.08 27.92
C ARG B 13 7.70 13.63 27.65
N PRO B 14 9.01 13.34 27.69
CA PRO B 14 9.49 11.99 27.42
C PRO B 14 8.79 10.95 28.29
N GLY B 15 8.38 9.83 27.68
CA GLY B 15 7.74 8.77 28.43
C GLY B 15 6.22 8.83 28.39
N GLU B 16 5.68 10.00 28.09
CA GLU B 16 4.23 10.14 28.03
C GLU B 16 3.69 9.58 26.71
N SER B 17 2.37 9.51 26.63
CA SER B 17 1.69 8.96 25.46
C SER B 17 0.91 10.04 24.75
N ALA B 18 0.64 9.81 23.46
CA ALA B 18 -0.15 10.77 22.69
C ALA B 18 -0.94 10.04 21.62
N THR B 19 -1.99 10.68 21.13
CA THR B 19 -2.82 10.06 20.13
C THR B 19 -3.01 10.99 18.94
N LEU B 20 -2.94 10.44 17.74
CA LEU B 20 -3.15 11.20 16.52
C LEU B 20 -4.32 10.60 15.77
N SER B 21 -5.10 11.45 15.11
CA SER B 21 -6.20 10.93 14.30
C SER B 21 -6.21 11.51 12.90
N CYS B 22 -7.00 10.88 12.05
CA CYS B 22 -7.08 11.26 10.65
C CYS B 22 -8.50 10.93 10.21
N VAL B 23 -9.15 11.83 9.49
CA VAL B 23 -10.53 11.59 9.13
C VAL B 23 -10.71 11.65 7.61
N ALA B 24 -11.25 10.58 7.06
CA ALA B 24 -11.34 10.41 5.62
C ALA B 24 -12.70 10.82 5.07
N SER B 25 -12.68 11.49 3.93
CA SER B 25 -13.92 11.80 3.23
C SER B 25 -13.68 11.79 1.73
N GLY B 26 -14.75 11.65 0.96
CA GLY B 26 -14.66 11.74 -0.48
C GLY B 26 -14.37 10.44 -1.20
N PHE B 27 -14.49 9.32 -0.49
CA PHE B 27 -14.32 7.99 -1.09
C PHE B 27 -14.84 6.90 -0.15
N ASP B 28 -14.47 5.65 -0.41
CA ASP B 28 -15.01 4.53 0.36
C ASP B 28 -14.05 4.00 1.42
N PHE B 29 -14.28 4.41 2.67
CA PHE B 29 -13.46 3.98 3.81
C PHE B 29 -13.47 2.46 3.95
N SER B 30 -14.62 1.85 3.62
CA SER B 30 -14.86 0.42 3.77
C SER B 30 -13.85 -0.47 3.03
N ARG B 31 -13.23 0.05 1.99
CA ARG B 31 -12.49 -0.78 1.06
C ARG B 31 -11.04 -0.34 0.92
N ASN B 32 -10.60 0.49 1.84
CA ASN B 32 -9.24 1.01 1.80
C ASN B 32 -8.51 0.73 3.09
N GLY B 33 -7.19 0.63 2.99
CA GLY B 33 -6.35 0.56 4.17
C GLY B 33 -5.68 1.90 4.35
N PHE B 34 -5.24 2.18 5.57
CA PHE B 34 -4.55 3.44 5.84
C PHE B 34 -3.31 3.15 6.64
N GLU B 35 -2.35 4.06 6.55
CA GLU B 35 -1.05 3.85 7.16
C GLU B 35 -0.54 5.14 7.80
N TRP B 36 0.45 5.01 8.68
CA TRP B 36 1.09 6.17 9.30
C TRP B 36 2.57 6.22 8.96
N LEU B 37 3.01 7.37 8.47
CA LEU B 37 4.39 7.55 8.05
C LEU B 37 5.06 8.56 8.95
N ARG B 38 6.38 8.43 9.09
CA ARG B 38 7.15 9.30 9.96
C ARG B 38 8.26 10.01 9.21
N GLN B 39 8.34 11.33 9.33
CA GLN B 39 9.44 12.06 8.72
C GLN B 39 10.27 12.79 9.76
N GLY B 40 11.54 12.46 9.82
CA GLY B 40 12.47 13.08 10.75
C GLY B 40 12.86 14.48 10.34
N PRO B 41 13.26 15.32 11.39
CA PRO B 41 13.78 16.62 10.91
C PRO B 41 15.05 16.35 10.12
N GLY B 42 15.25 17.08 9.02
CA GLY B 42 16.39 16.80 8.17
C GLY B 42 16.32 15.36 7.70
N LYS B 43 15.11 14.91 7.41
CA LYS B 43 14.84 13.55 7.00
C LYS B 43 13.83 13.60 5.87
N GLY B 44 13.62 12.50 5.16
CA GLY B 44 13.84 11.15 5.62
C GLY B 44 12.50 10.53 5.94
N LEU B 45 12.08 9.57 5.12
CA LEU B 45 10.73 9.01 5.17
C LEU B 45 10.72 7.59 5.68
N GLN B 46 9.84 7.29 6.64
CA GLN B 46 9.82 5.99 7.28
C GLN B 46 8.40 5.51 7.58
N TRP B 47 8.10 4.29 7.17
CA TRP B 47 6.78 3.70 7.39
C TRP B 47 6.67 3.22 8.83
N LEU B 48 5.48 3.34 9.41
CA LEU B 48 5.31 3.04 10.83
C LEU B 48 4.29 1.93 11.10
N ALA B 49 3.14 2.02 10.44
CA ALA B 49 2.05 1.10 10.72
C ALA B 49 1.01 1.12 9.62
N THR B 50 0.38 -0.04 9.41
CA THR B 50 -0.72 -0.18 8.48
C THR B 50 -1.93 -0.78 9.19
N VAL B 51 -3.12 -0.31 8.84
CA VAL B 51 -4.34 -1.05 9.13
C VAL B 51 -5.06 -1.30 7.80
N THR B 52 -5.33 -2.58 7.53
CA THR B 52 -6.01 -2.95 6.29
C THR B 52 -7.51 -2.76 6.45
N PHE B 53 -8.25 -2.92 5.37
CA PHE B 53 -9.69 -2.72 5.41
C PHE B 53 -10.38 -3.77 6.28
N GLU B 54 -9.63 -4.81 6.66
CA GLU B 54 -10.18 -5.85 7.53
C GLU B 54 -9.73 -5.65 8.97
N SER B 55 -9.13 -4.49 9.24
CA SER B 55 -8.64 -4.11 10.56
C SER B 55 -7.49 -5.00 11.04
N LYS B 56 -6.78 -5.59 10.08
CA LYS B 56 -5.51 -6.23 10.36
C LYS B 56 -4.43 -5.14 10.49
N THR B 57 -3.59 -5.24 11.51
CA THR B 57 -2.62 -4.19 11.81
C THR B 57 -1.18 -4.69 11.80
N HIS B 58 -0.31 -3.98 11.09
CA HIS B 58 1.12 -4.21 11.17
C HIS B 58 1.80 -2.95 11.71
N VAL B 59 2.84 -3.13 12.50
CA VAL B 59 3.63 -2.01 13.04
C VAL B 59 5.11 -2.31 12.82
N THR B 60 5.93 -1.29 12.56
CA THR B 60 7.37 -1.51 12.42
C THR B 60 7.91 -2.07 13.72
N ALA B 61 8.92 -2.93 13.62
CA ALA B 61 9.45 -3.64 14.78
C ALA B 61 10.19 -2.72 15.75
N SER B 62 10.71 -1.60 15.24
CA SER B 62 11.43 -0.65 16.09
C SER B 62 10.44 0.09 16.99
N ALA B 63 9.16 -0.02 16.66
CA ALA B 63 8.12 0.65 17.43
C ALA B 63 7.03 -0.32 17.88
N ARG B 64 7.20 -1.60 17.58
CA ARG B 64 6.19 -2.59 17.94
C ARG B 64 6.05 -2.64 19.45
N GLY B 65 4.82 -2.78 19.93
CA GLY B 65 4.55 -2.74 21.35
C GLY B 65 4.88 -1.38 21.95
N ARG B 66 4.75 -0.34 21.15
CA ARG B 66 4.97 1.03 21.61
C ARG B 66 4.06 1.97 20.83
N PHE B 67 3.83 1.63 19.56
CA PHE B 67 2.87 2.32 18.72
C PHE B 67 1.75 1.35 18.40
N THR B 68 0.58 1.88 18.09
CA THR B 68 -0.57 1.06 17.77
C THR B 68 -1.47 1.77 16.78
N ILE B 69 -1.87 1.08 15.72
CA ILE B 69 -2.75 1.69 14.75
C ILE B 69 -4.15 1.10 14.89
N SER B 70 -5.17 1.92 14.69
CA SER B 70 -6.54 1.36 14.70
C SER B 70 -7.50 2.16 13.85
N ARG B 71 -8.73 1.68 13.79
CA ARG B 71 -9.64 2.13 12.76
C ARG B 71 -11.10 2.08 13.20
N ASP B 72 -11.83 3.18 12.96
CA ASP B 72 -13.27 3.27 13.23
C ASP B 72 -14.05 3.56 11.95
N ASN B 73 -14.66 2.52 11.38
CA ASN B 73 -15.27 2.65 10.05
C ASN B 73 -16.53 3.48 10.07
N SER B 74 -17.24 3.44 11.19
CA SER B 74 -18.50 4.15 11.30
C SER B 74 -18.26 5.65 11.22
N ARG B 75 -17.09 6.09 11.68
CA ARG B 75 -16.78 7.51 11.70
C ARG B 75 -15.70 7.84 10.67
N ARG B 76 -15.35 6.84 9.86
CA ARG B 76 -14.32 6.97 8.84
C ARG B 76 -13.04 7.56 9.39
N THR B 77 -12.59 7.02 10.52
CA THR B 77 -11.45 7.61 11.20
C THR B 77 -10.32 6.60 11.39
N VAL B 78 -9.08 7.10 11.34
CA VAL B 78 -7.90 6.28 11.57
C VAL B 78 -7.09 6.87 12.72
N TYR B 79 -6.49 6.00 13.53
CA TYR B 79 -5.80 6.40 14.75
C TYR B 79 -4.38 5.85 14.88
N LEU B 80 -3.54 6.66 15.51
CA LEU B 80 -2.20 6.25 15.92
C LEU B 80 -1.99 6.55 17.40
N GLN B 81 -1.91 5.49 18.21
CA GLN B 81 -1.60 5.61 19.63
C GLN B 81 -0.13 5.41 19.89
N MET B 82 0.54 6.44 20.40
CA MET B 82 1.94 6.35 20.75
C MET B 82 2.13 6.31 22.26
N THR B 83 3.04 5.43 22.69
CA THR B 83 3.25 5.15 24.11
C THR B 83 4.73 5.32 24.42
N ASN B 84 5.04 5.80 25.62
CA ASN B 84 6.41 5.93 26.09
C ASN B 84 7.27 6.72 25.11
N LEU B 85 6.72 7.85 24.67
CA LEU B 85 7.38 8.66 23.64
C LEU B 85 8.73 9.18 24.11
N GLN B 86 9.67 9.26 23.17
CA GLN B 86 11.04 9.65 23.46
C GLN B 86 11.48 10.76 22.50
N PRO B 87 12.41 11.61 22.95
CA PRO B 87 12.91 12.73 22.11
C PRO B 87 13.28 12.31 20.69
N ASP B 88 13.76 11.08 20.50
CA ASP B 88 14.01 10.51 19.18
C ASP B 88 12.71 10.59 18.37
N ASP B 89 11.58 10.27 18.98
CA ASP B 89 10.32 10.19 18.26
C ASP B 89 9.80 11.52 17.72
N THR B 90 10.51 12.61 18.01
CA THR B 90 10.11 13.93 17.52
C THR B 90 10.16 14.02 16.00
N ALA B 91 9.01 14.21 15.37
CA ALA B 91 8.97 14.28 13.90
C ALA B 91 7.61 14.72 13.37
N MET B 92 7.47 14.68 12.04
CA MET B 92 6.19 14.94 11.39
C MET B 92 5.48 13.66 11.00
N TYR B 93 4.24 13.50 11.43
CA TYR B 93 3.50 12.26 11.23
C TYR B 93 2.41 12.39 10.18
N PHE B 94 2.46 11.51 9.19
CA PHE B 94 1.56 11.56 8.06
C PHE B 94 0.55 10.42 8.05
N CYS B 95 -0.72 10.77 7.86
CA CYS B 95 -1.75 9.78 7.60
C CYS B 95 -1.78 9.57 6.09
N VAL B 96 -1.82 8.33 5.62
CA VAL B 96 -1.84 8.09 4.17
C VAL B 96 -2.76 6.94 3.78
N LYS B 97 -3.37 7.03 2.60
CA LYS B 97 -4.18 5.92 2.08
C LYS B 97 -3.34 5.02 1.18
N ASP B 98 -3.37 3.71 1.42
CA ASP B 98 -2.64 2.78 0.56
C ASP B 98 -3.56 2.27 -0.56
N GLN B 99 -3.12 1.23 -1.25
CA GLN B 99 -3.90 0.67 -2.34
C GLN B 99 -4.41 -0.72 -1.99
N THR B 100 -5.68 -0.94 -2.27
CA THR B 100 -6.33 -2.23 -2.09
C THR B 100 -7.03 -2.60 -3.40
N ILE B 101 -6.62 -3.71 -4.01
CA ILE B 101 -7.12 -4.12 -5.32
C ILE B 101 -7.98 -5.39 -5.26
N PHE B 102 -9.25 -5.29 -5.64
CA PHE B 102 -10.16 -6.43 -5.58
C PHE B 102 -10.36 -7.12 -6.94
N HIS B 103 -10.18 -8.44 -6.96
CA HIS B 103 -10.36 -9.23 -8.19
C HIS B 103 -11.76 -9.84 -8.33
N LYS B 104 -12.09 -10.25 -9.55
CA LYS B 104 -13.38 -10.89 -9.83
C LYS B 104 -13.61 -12.16 -9.01
N ASN B 105 -12.58 -13.00 -8.89
CA ASN B 105 -12.75 -14.28 -8.21
C ASN B 105 -12.66 -14.15 -6.70
N GLY B 106 -12.32 -12.95 -6.22
CA GLY B 106 -12.33 -12.68 -4.79
C GLY B 106 -10.97 -12.37 -4.19
N ALA B 107 -9.92 -12.62 -4.96
CA ALA B 107 -8.56 -12.33 -4.50
C ALA B 107 -8.42 -10.84 -4.21
N VAL B 108 -7.53 -10.50 -3.29
CA VAL B 108 -7.24 -9.10 -2.99
C VAL B 108 -5.74 -8.85 -2.96
N ASP B 109 -5.28 -7.94 -3.82
CA ASP B 109 -3.89 -7.51 -3.76
C ASP B 109 -3.80 -6.28 -2.84
N PHE B 110 -2.68 -6.15 -2.15
CA PHE B 110 -2.44 -4.99 -1.29
C PHE B 110 -1.14 -4.33 -1.72
N PHE B 111 -1.16 -3.01 -1.90
CA PHE B 111 0.07 -2.29 -2.27
C PHE B 111 0.26 -1.05 -1.42
N SER B 112 1.40 -0.95 -0.75
CA SER B 112 1.63 0.17 0.17
C SER B 112 2.33 1.34 -0.50
N TYR B 113 1.65 1.99 -1.44
CA TYR B 113 2.05 3.31 -1.88
C TYR B 113 0.84 4.24 -1.84
N PHE B 114 1.11 5.54 -1.78
CA PHE B 114 0.11 6.47 -1.24
C PHE B 114 -0.21 7.63 -2.15
N ASP B 115 -1.39 7.56 -2.77
CA ASP B 115 -1.86 8.62 -3.65
C ASP B 115 -2.44 9.76 -2.84
N LEU B 116 -2.70 9.50 -1.56
CA LEU B 116 -3.45 10.42 -0.74
C LEU B 116 -2.78 10.66 0.62
N TRP B 117 -2.49 11.93 0.88
CA TRP B 117 -1.72 12.30 2.05
C TRP B 117 -2.47 13.28 2.91
N GLY B 118 -2.33 13.13 4.22
CA GLY B 118 -2.85 14.11 5.15
C GLY B 118 -1.92 15.30 5.15
N ARG B 119 -2.26 16.28 5.96
CA ARG B 119 -1.52 17.54 6.04
C ARG B 119 -0.20 17.40 6.80
N GLY B 120 -0.12 16.36 7.60
CA GLY B 120 1.05 16.15 8.44
C GLY B 120 0.83 16.77 9.80
N ALA B 121 1.27 16.08 10.84
CA ALA B 121 1.06 16.54 12.20
C ALA B 121 2.35 16.43 13.00
N PRO B 122 2.86 17.57 13.48
CA PRO B 122 4.10 17.55 14.28
C PRO B 122 3.91 16.96 15.68
N VAL B 123 4.69 15.94 16.00
CA VAL B 123 4.79 15.42 17.36
C VAL B 123 6.14 15.78 17.92
N ILE B 124 6.16 16.60 18.96
CA ILE B 124 7.45 16.94 19.55
C ILE B 124 7.54 16.46 20.98
N VAL B 125 8.61 15.73 21.25
CA VAL B 125 8.86 15.11 22.54
C VAL B 125 10.08 15.75 23.18
N SER B 126 9.92 16.28 24.39
CA SER B 126 11.02 16.98 25.03
C SER B 126 10.76 17.22 26.51
N ALA B 127 11.84 17.35 27.27
CA ALA B 127 11.74 17.61 28.69
C ALA B 127 11.77 19.11 28.97
N ALA B 128 11.81 19.90 27.90
CA ALA B 128 11.84 21.35 28.04
C ALA B 128 10.45 21.91 28.31
N SER B 129 10.37 22.92 29.17
CA SER B 129 9.11 23.60 29.36
C SER B 129 8.95 24.65 28.26
N THR B 130 7.71 24.98 27.91
CA THR B 130 7.45 26.09 27.03
C THR B 130 8.16 27.34 27.52
N LYS B 131 8.89 27.95 26.59
CA LYS B 131 9.69 29.12 26.89
C LYS B 131 9.75 30.08 25.71
N GLY B 132 9.54 31.36 25.99
CA GLY B 132 9.57 32.39 24.97
C GLY B 132 11.01 32.72 24.69
N PRO B 133 11.30 33.22 23.49
CA PRO B 133 12.70 33.45 23.10
C PRO B 133 13.31 34.67 23.73
N SER B 134 14.63 34.62 23.92
CA SER B 134 15.42 35.79 24.23
C SER B 134 15.92 36.38 22.91
N VAL B 135 15.82 37.69 22.75
CA VAL B 135 16.22 38.31 21.50
C VAL B 135 17.42 39.21 21.69
N PHE B 136 18.46 39.00 20.90
CA PHE B 136 19.70 39.74 21.05
C PHE B 136 20.02 40.41 19.73
N PRO B 137 20.57 41.61 19.78
CA PRO B 137 20.80 42.27 18.50
C PRO B 137 22.05 41.75 17.81
N LEU B 138 21.99 41.74 16.49
CA LEU B 138 23.16 41.50 15.67
C LEU B 138 23.38 42.85 15.01
N ALA B 139 24.21 43.66 15.66
CA ALA B 139 24.34 45.07 15.33
C ALA B 139 25.24 45.23 14.13
N PRO B 140 24.96 46.21 13.25
CA PRO B 140 26.02 46.12 12.26
C PRO B 140 27.25 46.90 12.69
N SER B 141 28.33 46.68 11.96
CA SER B 141 29.56 47.43 12.17
C SER B 141 30.42 47.49 10.93
N SER B 142 31.67 47.90 11.12
CA SER B 142 32.67 47.81 10.07
C SER B 142 32.80 46.37 9.58
N LYS B 143 32.73 45.41 10.51
CA LYS B 143 33.01 44.01 10.17
C LYS B 143 31.69 43.31 9.84
N SER B 144 30.62 44.10 9.82
CA SER B 144 29.33 43.63 9.38
C SER B 144 28.87 44.41 8.15
N THR B 145 29.69 45.35 7.70
CA THR B 145 29.36 46.01 6.44
C THR B 145 30.41 45.80 5.35
N SER B 146 29.96 45.50 4.14
CA SER B 146 30.89 45.32 3.02
C SER B 146 30.47 46.36 1.99
N GLY B 147 31.31 47.33 1.68
CA GLY B 147 30.96 48.31 0.66
C GLY B 147 29.66 49.09 0.86
N GLY B 148 28.73 48.95 -0.07
CA GLY B 148 27.45 49.61 0.06
C GLY B 148 26.34 48.85 0.75
N THR B 149 26.64 47.66 1.24
CA THR B 149 25.62 46.86 1.90
C THR B 149 25.95 46.61 3.36
N ALA B 150 24.98 46.82 4.23
CA ALA B 150 25.17 46.53 5.64
C ALA B 150 24.36 45.30 5.97
N ALA B 151 24.80 44.56 6.97
CA ALA B 151 24.05 43.42 7.43
C ALA B 151 23.72 43.66 8.89
N LEU B 152 22.48 43.39 9.28
CA LEU B 152 22.09 43.48 10.67
C LEU B 152 21.14 42.34 10.94
N GLY B 153 20.78 42.13 12.20
CA GLY B 153 19.84 41.06 12.51
C GLY B 153 19.39 40.91 13.94
N CYS B 154 18.67 39.83 14.20
CA CYS B 154 18.28 39.44 15.54
C CYS B 154 18.57 37.97 15.77
N LEU B 155 19.11 37.69 16.95
CA LEU B 155 19.38 36.34 17.36
C LEU B 155 18.22 35.98 18.28
N VAL B 156 17.46 34.97 17.90
CA VAL B 156 16.30 34.53 18.65
C VAL B 156 16.66 33.21 19.32
N LYS B 157 16.99 33.26 20.59
CA LYS B 157 17.70 32.15 21.20
C LYS B 157 16.88 31.56 22.34
N ASP B 158 16.98 30.24 22.50
CA ASP B 158 16.44 29.52 23.64
C ASP B 158 14.92 29.57 23.81
N TYR B 159 14.19 29.13 22.79
CA TYR B 159 12.74 29.07 22.91
C TYR B 159 12.28 27.63 22.70
N PHE B 160 11.08 27.35 23.18
CA PHE B 160 10.42 26.07 23.02
C PHE B 160 8.93 26.23 23.24
N PRO B 161 8.11 25.54 22.42
CA PRO B 161 8.47 24.75 21.23
C PRO B 161 8.53 25.63 20.00
N GLU B 162 8.76 25.02 18.83
CA GLU B 162 8.60 25.71 17.55
C GLU B 162 7.11 26.03 17.40
N PRO B 163 6.75 27.06 16.61
CA PRO B 163 7.57 27.92 15.75
C PRO B 163 7.68 29.35 16.28
N VAL B 164 8.68 30.06 15.78
CA VAL B 164 8.72 31.49 15.94
C VAL B 164 8.37 32.18 14.61
N THR B 165 7.80 33.39 14.66
CA THR B 165 7.64 34.17 13.44
C THR B 165 8.49 35.43 13.62
N VAL B 166 9.19 35.86 12.59
CA VAL B 166 9.98 37.09 12.70
C VAL B 166 9.60 38.03 11.58
N SER B 167 9.35 39.29 11.91
CA SER B 167 9.17 40.32 10.91
C SER B 167 10.08 41.51 11.18
N TRP B 168 10.18 42.40 10.20
CA TRP B 168 10.98 43.61 10.35
C TRP B 168 10.20 44.89 10.14
N ASN B 169 10.39 45.83 11.06
CA ASN B 169 9.69 47.11 10.99
C ASN B 169 8.19 46.91 10.87
N SER B 170 7.70 45.94 11.63
CA SER B 170 6.29 45.61 11.69
C SER B 170 5.73 45.06 10.39
N GLY B 171 6.62 44.58 9.51
CA GLY B 171 6.18 44.01 8.25
C GLY B 171 6.48 44.88 7.04
N ALA B 172 6.96 46.10 7.29
CA ALA B 172 7.23 47.02 6.20
C ALA B 172 8.49 46.66 5.44
N LEU B 173 9.40 45.94 6.10
CA LEU B 173 10.64 45.55 5.45
C LEU B 173 10.77 44.05 5.21
N THR B 174 10.78 43.66 3.94
CA THR B 174 10.86 42.24 3.56
C THR B 174 12.00 41.99 2.60
N SER B 175 12.31 42.97 1.75
CA SER B 175 13.40 42.78 0.81
C SER B 175 14.71 42.56 1.56
N GLY B 176 15.40 41.49 1.17
CA GLY B 176 16.70 41.12 1.72
C GLY B 176 16.73 40.52 3.11
N VAL B 177 15.58 40.19 3.68
CA VAL B 177 15.55 39.50 4.97
C VAL B 177 15.62 38.00 4.73
N HIS B 178 16.46 37.33 5.52
CA HIS B 178 16.53 35.88 5.52
C HIS B 178 16.44 35.48 6.97
N THR B 179 15.40 34.74 7.29
CA THR B 179 15.24 34.20 8.62
C THR B 179 15.55 32.73 8.51
N PHE B 180 16.60 32.32 9.21
CA PHE B 180 17.12 30.98 9.01
C PHE B 180 16.28 29.98 9.79
N PRO B 181 16.26 28.74 9.30
CA PRO B 181 15.66 27.59 9.98
C PRO B 181 16.24 27.41 11.37
N ALA B 182 15.39 27.01 12.30
CA ALA B 182 15.83 26.79 13.67
C ALA B 182 16.71 25.55 13.75
N VAL B 183 17.60 25.56 14.73
CA VAL B 183 18.39 24.39 15.02
C VAL B 183 18.05 23.99 16.44
N LEU B 184 17.96 22.68 16.69
CA LEU B 184 17.68 22.23 18.03
C LEU B 184 19.01 22.23 18.78
N GLN B 185 19.01 22.93 19.90
CA GLN B 185 20.22 23.07 20.72
C GLN B 185 20.35 21.98 21.76
N SER B 186 21.57 21.92 22.28
CA SER B 186 21.92 20.96 23.29
C SER B 186 21.08 21.02 24.53
N SER B 187 20.39 22.14 24.72
CA SER B 187 19.46 22.39 25.82
C SER B 187 18.06 21.81 25.64
N GLY B 188 17.74 21.40 24.43
CA GLY B 188 16.39 20.95 24.14
C GLY B 188 15.58 22.17 23.73
N LEU B 189 16.27 23.31 23.64
CA LEU B 189 15.65 24.56 23.19
C LEU B 189 16.08 24.89 21.77
N TYR B 190 15.27 25.70 21.09
CA TYR B 190 15.57 26.04 19.70
C TYR B 190 16.22 27.42 19.61
N SER B 191 16.95 27.65 18.52
CA SER B 191 17.56 28.95 18.30
C SER B 191 17.63 29.24 16.79
N LEU B 192 17.44 30.49 16.41
CA LEU B 192 17.63 30.91 15.03
C LEU B 192 18.06 32.35 14.93
N SER B 193 18.49 32.76 13.75
CA SER B 193 18.78 34.16 13.49
C SER B 193 17.95 34.63 12.32
N SER B 194 17.62 35.91 12.34
CA SER B 194 17.02 36.56 11.20
C SER B 194 17.91 37.73 10.84
N VAL B 195 18.28 37.85 9.58
CA VAL B 195 19.16 38.93 9.20
C VAL B 195 18.52 39.68 8.05
N VAL B 196 18.99 40.89 7.85
CA VAL B 196 18.55 41.69 6.73
C VAL B 196 19.71 42.53 6.29
N THR B 197 19.85 42.67 4.97
CA THR B 197 20.81 43.59 4.41
C THR B 197 20.11 44.81 3.93
N VAL B 198 20.72 45.95 4.21
CA VAL B 198 20.11 47.24 3.95
C VAL B 198 21.18 48.15 3.39
N PRO B 199 20.78 49.27 2.76
CA PRO B 199 21.91 50.09 2.31
C PRO B 199 22.70 50.57 3.52
N SER B 200 24.03 50.50 3.44
CA SER B 200 24.91 50.90 4.52
C SER B 200 24.75 52.38 4.92
N SER B 201 24.28 53.18 3.97
CA SER B 201 24.06 54.61 4.17
C SER B 201 22.84 54.89 5.04
N SER B 202 21.95 53.91 5.12
CA SER B 202 20.69 54.07 5.85
C SER B 202 20.85 53.76 7.32
N LEU B 203 22.05 53.36 7.73
CA LEU B 203 22.29 52.92 9.11
C LEU B 203 21.92 53.98 10.13
N GLY B 204 22.47 55.18 9.98
CA GLY B 204 22.17 56.25 10.92
C GLY B 204 20.74 56.75 10.79
N THR B 205 20.21 56.74 9.56
CA THR B 205 18.93 57.40 9.27
C THR B 205 17.69 56.51 9.12
N GLN B 206 17.84 55.21 9.28
CA GLN B 206 16.69 54.31 9.18
C GLN B 206 16.57 53.49 10.45
N THR B 207 15.37 53.45 11.03
CA THR B 207 15.18 52.64 12.23
C THR B 207 14.91 51.20 11.83
N TYR B 208 15.63 50.26 12.44
CA TYR B 208 15.39 48.86 12.15
C TYR B 208 15.00 48.07 13.40
N ILE B 209 13.79 47.54 13.42
CA ILE B 209 13.24 46.83 14.57
C ILE B 209 12.75 45.43 14.20
N CYS B 210 13.20 44.41 14.93
CA CYS B 210 12.71 43.06 14.64
C CYS B 210 11.55 42.69 15.58
N ASN B 211 10.49 42.17 14.98
CA ASN B 211 9.30 41.72 15.69
C ASN B 211 9.22 40.20 15.79
N VAL B 212 9.36 39.66 17.00
CA VAL B 212 9.36 38.23 17.21
C VAL B 212 8.09 37.77 17.92
N ASN B 213 7.42 36.79 17.31
CA ASN B 213 6.22 36.24 17.92
C ASN B 213 6.34 34.77 18.18
N HIS B 214 6.24 34.40 19.45
CA HIS B 214 6.27 33.02 19.88
C HIS B 214 4.89 32.72 20.46
N LYS B 215 3.93 32.35 19.61
CA LYS B 215 2.59 32.07 20.12
C LYS B 215 2.44 31.01 21.23
N PRO B 216 3.22 29.91 21.23
CA PRO B 216 3.12 28.93 22.32
C PRO B 216 3.37 29.42 23.75
N SER B 217 3.97 30.59 23.89
CA SER B 217 4.28 31.17 25.19
C SER B 217 3.54 32.49 25.32
N ASN B 218 2.73 32.77 24.30
CA ASN B 218 2.02 34.01 24.13
C ASN B 218 2.94 35.21 24.32
N THR B 219 4.08 35.16 23.62
CA THR B 219 5.13 36.16 23.80
C THR B 219 5.43 36.94 22.53
N LYS B 220 5.56 38.25 22.67
CA LYS B 220 5.86 39.11 21.54
C LYS B 220 7.08 39.88 22.03
N VAL B 221 8.04 40.14 21.16
CA VAL B 221 9.20 40.94 21.54
C VAL B 221 9.56 41.83 20.37
N ASP B 222 9.85 43.08 20.66
CA ASP B 222 10.43 43.98 19.69
C ASP B 222 11.83 44.44 20.04
N LYS B 223 12.80 44.17 19.17
CA LYS B 223 14.16 44.54 19.51
C LYS B 223 14.70 45.45 18.41
N ARG B 224 14.98 46.68 18.80
CA ARG B 224 15.51 47.68 17.89
C ARG B 224 17.02 47.50 17.73
N VAL B 225 17.49 47.43 16.49
CA VAL B 225 18.92 47.23 16.24
C VAL B 225 19.71 48.43 15.69
N GLU B 226 20.67 48.88 16.49
CA GLU B 226 21.48 50.07 16.24
C GLU B 226 22.96 49.69 16.14
N PRO B 227 23.75 50.43 15.36
CA PRO B 227 25.17 50.03 15.32
C PRO B 227 25.90 50.14 16.68
N LYS B 228 26.96 49.34 16.82
CA LYS B 228 27.92 49.28 17.96
C LYS B 228 28.29 47.80 18.15
N VAL C 2 14.86 -4.47 2.57
CA VAL C 2 14.98 -4.00 1.19
C VAL C 2 15.51 -2.57 1.13
N VAL C 3 16.69 -2.41 0.54
CA VAL C 3 17.35 -1.11 0.53
C VAL C 3 17.17 -0.35 -0.79
N MET C 4 16.69 0.89 -0.66
CA MET C 4 16.61 1.82 -1.78
C MET C 4 17.68 2.91 -1.66
N THR C 5 18.44 3.10 -2.74
CA THR C 5 19.51 4.11 -2.79
C THR C 5 19.26 5.11 -3.91
N GLN C 6 19.34 6.40 -3.64
CA GLN C 6 19.16 7.36 -4.72
C GLN C 6 20.47 8.10 -5.00
N SER C 7 20.57 8.69 -6.18
CA SER C 7 21.73 9.49 -6.52
C SER C 7 21.39 10.47 -7.65
N PRO C 8 21.98 11.68 -7.59
CA PRO C 8 22.89 12.07 -6.50
C PRO C 8 22.10 12.53 -5.27
N GLU C 9 22.79 13.04 -4.27
CA GLU C 9 22.12 13.58 -3.10
C GLU C 9 21.60 14.98 -3.44
N PHE C 10 22.44 15.78 -4.08
CA PHE C 10 22.02 17.09 -4.58
C PHE C 10 22.20 17.14 -6.09
N LEU C 11 21.26 17.79 -6.77
CA LEU C 11 21.30 17.90 -8.22
C LEU C 11 20.88 19.29 -8.69
N ALA C 12 21.77 19.95 -9.42
CA ALA C 12 21.48 21.27 -9.96
C ALA C 12 21.09 21.15 -11.42
N VAL C 13 19.98 21.79 -11.78
CA VAL C 13 19.51 21.73 -13.15
C VAL C 13 19.27 23.14 -13.67
N SER C 14 19.57 23.37 -14.95
CA SER C 14 19.43 24.68 -15.54
C SER C 14 18.00 24.93 -16.04
N LEU C 15 17.66 26.20 -16.23
CA LEU C 15 16.27 26.68 -16.27
C LEU C 15 15.40 26.20 -17.43
N GLY C 16 15.90 25.29 -18.25
CA GLY C 16 15.08 24.74 -19.32
C GLY C 16 15.51 23.34 -19.66
N GLU C 17 16.49 22.85 -18.92
CA GLU C 17 17.12 21.58 -19.24
C GLU C 17 16.41 20.42 -18.55
N ARG C 18 17.12 19.32 -18.36
CA ARG C 18 16.48 18.08 -17.95
C ARG C 18 17.14 17.46 -16.72
N ALA C 19 16.31 17.14 -15.73
CA ALA C 19 16.76 16.45 -14.54
C ALA C 19 16.70 14.94 -14.76
N THR C 20 17.76 14.27 -14.32
CA THR C 20 17.88 12.82 -14.40
C THR C 20 18.26 12.26 -13.04
N LEU C 21 17.28 11.71 -12.33
CA LEU C 21 17.45 11.21 -10.97
C LEU C 21 17.52 9.68 -10.98
N GLU C 22 18.44 9.11 -10.20
CA GLU C 22 18.61 7.66 -10.19
C GLU C 22 18.20 7.00 -8.88
N CYS C 23 17.58 5.82 -9.01
CA CYS C 23 17.14 5.03 -7.86
C CYS C 23 17.49 3.56 -8.06
N LYS C 24 18.14 2.98 -7.08
CA LYS C 24 18.63 1.61 -7.14
C LYS C 24 18.02 0.78 -6.02
N SER C 25 17.43 -0.36 -6.38
CA SER C 25 16.89 -1.29 -5.39
C SER C 25 17.85 -2.44 -5.16
N SER C 26 17.95 -2.90 -3.91
CA SER C 26 18.82 -4.03 -3.62
C SER C 26 18.21 -5.31 -4.17
N HIS C 27 16.89 -5.29 -4.32
CA HIS C 27 16.14 -6.46 -4.77
C HIS C 27 15.26 -6.15 -5.97
N SER C 28 14.75 -7.18 -6.63
CA SER C 28 13.86 -7.00 -7.75
C SER C 28 12.47 -6.59 -7.27
N LEU C 29 11.95 -5.52 -7.86
CA LEU C 29 10.65 -5.00 -7.47
C LEU C 29 9.59 -5.37 -8.51
N LEU C 30 9.99 -6.18 -9.49
CA LEU C 30 9.03 -6.71 -10.45
C LEU C 30 7.93 -7.42 -9.72
N TYR C 31 6.70 -7.03 -10.00
CA TYR C 31 5.56 -7.78 -9.50
C TYR C 31 5.02 -8.63 -10.64
N ALA C 32 5.42 -9.89 -10.65
CA ALA C 32 5.16 -10.81 -11.75
C ALA C 32 3.72 -10.82 -12.28
N PRO C 33 2.70 -10.85 -11.40
CA PRO C 33 1.34 -10.98 -11.94
C PRO C 33 0.84 -9.77 -12.71
N TYR C 34 1.39 -8.59 -12.43
CA TYR C 34 1.01 -7.38 -13.18
C TYR C 34 2.02 -7.08 -14.29
N ASP C 35 3.12 -7.83 -14.30
CA ASP C 35 4.28 -7.55 -15.16
C ASP C 35 4.67 -6.07 -15.09
N LYS C 36 4.61 -5.52 -13.88
CA LYS C 36 4.94 -4.14 -13.60
C LYS C 36 5.96 -4.13 -12.46
N ASP C 37 6.86 -3.15 -12.45
CA ASP C 37 7.72 -2.98 -11.28
C ASP C 37 6.98 -2.18 -10.21
N ALA C 38 6.90 -2.74 -9.01
CA ALA C 38 6.20 -2.07 -7.92
C ALA C 38 7.07 -0.97 -7.31
N LEU C 39 7.29 0.09 -8.09
CA LEU C 39 8.10 1.21 -7.62
C LEU C 39 7.40 2.52 -7.96
N VAL C 40 7.57 3.50 -7.08
CA VAL C 40 6.76 4.69 -7.08
C VAL C 40 7.64 5.95 -6.90
N TRP C 41 7.22 7.06 -7.50
CA TRP C 41 7.95 8.33 -7.38
C TRP C 41 7.08 9.44 -6.80
N TYR C 42 7.61 10.05 -5.72
CA TYR C 42 7.02 11.19 -5.03
C TYR C 42 7.79 12.50 -5.21
N GLN C 43 7.01 13.59 -5.29
CA GLN C 43 7.53 14.95 -5.20
C GLN C 43 7.19 15.52 -3.83
N GLN C 44 8.17 16.12 -3.16
CA GLN C 44 7.88 16.86 -1.93
C GLN C 44 8.55 18.23 -1.91
N LYS C 45 7.71 19.26 -1.84
CA LYS C 45 8.15 20.62 -1.59
C LYS C 45 8.20 20.87 -0.09
N PRO C 46 8.99 21.86 0.34
CA PRO C 46 9.12 22.12 1.78
C PRO C 46 7.81 22.60 2.40
N GLY C 47 7.36 21.93 3.47
CA GLY C 47 6.15 22.32 4.15
C GLY C 47 4.94 21.52 3.71
N GLN C 48 5.06 20.89 2.56
CA GLN C 48 3.96 20.11 1.99
C GLN C 48 4.16 18.63 2.24
N PRO C 49 3.06 17.89 2.30
CA PRO C 49 3.20 16.43 2.17
C PRO C 49 3.74 16.08 0.79
N PRO C 50 4.39 14.93 0.66
CA PRO C 50 4.87 14.51 -0.66
C PRO C 50 3.72 14.20 -1.61
N LYS C 51 3.93 14.44 -2.89
CA LYS C 51 2.90 14.18 -3.90
C LYS C 51 3.32 13.00 -4.79
N LEU C 52 2.40 12.07 -5.00
CA LEU C 52 2.67 10.91 -5.84
C LEU C 52 2.69 11.27 -7.34
N LEU C 53 3.88 11.28 -7.93
CA LEU C 53 4.04 11.57 -9.35
C LEU C 53 3.74 10.35 -10.21
N LEU C 54 4.42 9.23 -9.91
CA LEU C 54 4.24 8.06 -10.79
C LEU C 54 4.17 6.75 -10.03
N ASP C 55 3.36 5.83 -10.54
CA ASP C 55 3.28 4.49 -9.93
C ASP C 55 3.56 3.40 -10.98
N TRP C 56 3.80 2.19 -10.48
CA TRP C 56 4.39 1.09 -11.25
C TRP C 56 5.47 1.58 -12.22
N ALA C 57 6.40 2.33 -11.64
CA ALA C 57 7.65 2.77 -12.27
C ALA C 57 7.45 3.82 -13.37
N SER C 58 6.53 3.60 -14.29
CA SER C 58 6.50 4.44 -15.49
C SER C 58 5.17 5.13 -15.77
N SER C 59 4.22 5.01 -14.84
CA SER C 59 2.86 5.48 -15.12
C SER C 59 2.54 6.76 -14.38
N ARG C 60 2.39 7.85 -15.14
CA ARG C 60 2.00 9.12 -14.56
C ARG C 60 0.64 9.01 -13.86
N ARG C 61 0.52 9.72 -12.74
CA ARG C 61 -0.76 9.87 -12.07
C ARG C 61 -1.58 10.90 -12.82
N SER C 62 -2.88 10.88 -12.63
CA SER C 62 -3.75 11.86 -13.27
C SER C 62 -3.42 13.24 -12.75
N GLY C 63 -3.39 14.23 -13.64
CA GLY C 63 -3.07 15.59 -13.26
C GLY C 63 -1.59 15.93 -13.33
N VAL C 64 -0.74 14.92 -13.20
CA VAL C 64 0.71 15.12 -13.23
C VAL C 64 1.20 15.58 -14.60
N SER C 65 2.09 16.58 -14.62
CA SER C 65 2.61 17.14 -15.86
C SER C 65 3.29 16.09 -16.72
N ASP C 66 3.12 16.19 -18.04
CA ASP C 66 3.73 15.22 -18.95
C ASP C 66 5.23 15.47 -19.07
N ARG C 67 5.70 16.55 -18.46
CA ARG C 67 7.13 16.84 -18.35
C ARG C 67 7.83 15.85 -17.41
N PHE C 68 7.02 15.05 -16.70
CA PHE C 68 7.51 14.03 -15.78
C PHE C 68 7.42 12.64 -16.39
N SER C 69 8.52 11.90 -16.40
CA SER C 69 8.43 10.50 -16.86
C SER C 69 9.49 9.64 -16.20
N ALA C 70 9.39 8.34 -16.35
CA ALA C 70 10.28 7.47 -15.59
C ALA C 70 10.50 6.10 -16.23
N THR C 71 11.53 5.42 -15.75
CA THR C 71 12.09 4.27 -16.44
C THR C 71 12.51 3.18 -15.46
N SER C 72 12.35 1.93 -15.89
CA SER C 72 12.81 0.79 -15.10
C SER C 72 13.56 -0.22 -15.94
N ALA C 73 14.64 -0.75 -15.37
CA ALA C 73 15.36 -1.87 -15.97
C ALA C 73 15.63 -2.94 -14.91
N SER C 74 15.52 -4.19 -15.33
CA SER C 74 15.85 -5.36 -14.51
C SER C 74 15.05 -5.44 -13.21
N GLY C 75 14.05 -4.58 -13.05
CA GLY C 75 13.29 -4.52 -11.81
C GLY C 75 14.12 -3.99 -10.67
N ARG C 76 15.23 -3.35 -10.98
CA ARG C 76 16.17 -2.92 -9.97
C ARG C 76 16.63 -1.47 -10.14
N TYR C 77 16.66 -0.99 -11.39
CA TYR C 77 17.24 0.33 -11.61
C TYR C 77 16.22 1.25 -12.25
N PHE C 78 16.06 2.43 -11.66
CA PHE C 78 14.98 3.33 -12.01
C PHE C 78 15.46 4.76 -12.25
N THR C 79 14.88 5.41 -13.25
CA THR C 79 15.28 6.77 -13.58
C THR C 79 14.06 7.66 -13.62
N LEU C 80 14.14 8.80 -12.94
CA LEU C 80 13.08 9.80 -13.03
C LEU C 80 13.58 11.00 -13.79
N THR C 81 12.77 11.47 -14.72
CA THR C 81 13.15 12.53 -15.62
C THR C 81 12.19 13.71 -15.59
N ILE C 82 12.78 14.90 -15.43
CA ILE C 82 12.02 16.13 -15.47
C ILE C 82 12.53 17.01 -16.61
N SER C 83 11.78 17.03 -17.72
CA SER C 83 12.12 17.87 -18.84
C SER C 83 11.63 19.29 -18.60
N ASN C 84 12.22 20.26 -19.31
CA ASN C 84 11.87 21.67 -19.14
C ASN C 84 11.91 22.13 -17.69
N PHE C 85 12.99 21.83 -16.98
CA PHE C 85 13.07 22.15 -15.57
C PHE C 85 12.78 23.62 -15.34
N ARG C 86 11.93 23.91 -14.35
CA ARG C 86 11.54 25.28 -14.05
C ARG C 86 11.49 25.49 -12.55
N ALA C 87 11.27 26.74 -12.15
CA ALA C 87 11.27 27.14 -10.75
C ALA C 87 10.46 26.21 -9.83
N ASP C 88 9.29 25.78 -10.31
CA ASP C 88 8.35 25.02 -9.50
C ASP C 88 8.69 23.52 -9.57
N ASP C 89 9.91 23.20 -9.96
CA ASP C 89 10.29 21.79 -9.96
C ASP C 89 11.36 21.57 -8.90
N VAL C 90 11.84 22.67 -8.32
CA VAL C 90 12.78 22.61 -7.21
C VAL C 90 12.15 21.90 -6.02
N ALA C 91 12.66 20.73 -5.68
CA ALA C 91 12.03 19.94 -4.63
C ALA C 91 12.86 18.73 -4.29
N THR C 92 12.43 17.99 -3.26
CA THR C 92 13.07 16.72 -2.97
C THR C 92 12.22 15.64 -3.60
N TYR C 93 12.87 14.75 -4.34
CA TYR C 93 12.16 13.64 -4.97
C TYR C 93 12.53 12.34 -4.30
N TYR C 94 11.51 11.59 -3.89
CA TYR C 94 11.75 10.31 -3.23
C TYR C 94 11.26 9.20 -4.12
N CYS C 95 12.02 8.10 -4.19
CA CYS C 95 11.49 6.89 -4.79
C CYS C 95 11.08 5.97 -3.65
N GLN C 96 10.16 5.06 -3.92
CA GLN C 96 9.68 4.14 -2.88
C GLN C 96 9.37 2.80 -3.49
N GLN C 97 9.91 1.74 -2.90
CA GLN C 97 9.55 0.40 -3.33
C GLN C 97 8.30 -0.02 -2.56
N THR C 98 7.43 -0.74 -3.24
CA THR C 98 6.23 -1.24 -2.62
C THR C 98 5.99 -2.66 -3.11
N ARG C 99 7.08 -3.39 -3.33
CA ARG C 99 6.99 -4.78 -3.75
C ARG C 99 6.99 -5.69 -2.54
N TRP C 100 7.71 -5.29 -1.51
CA TRP C 100 7.85 -6.10 -0.30
C TRP C 100 7.53 -5.31 0.96
N THR C 101 7.18 -6.04 2.01
CA THR C 101 6.90 -5.45 3.32
C THR C 101 8.12 -5.52 4.22
N PRO C 102 8.47 -4.39 4.88
CA PRO C 102 7.80 -3.08 4.80
C PRO C 102 8.21 -2.26 3.58
N PRO C 103 7.37 -1.27 3.21
CA PRO C 103 7.72 -0.29 2.18
C PRO C 103 8.91 0.55 2.63
N THR C 104 9.84 0.82 1.73
CA THR C 104 11.05 1.53 2.12
C THR C 104 11.33 2.68 1.16
N PHE C 105 11.93 3.75 1.66
CA PHE C 105 12.05 4.99 0.91
C PHE C 105 13.48 5.31 0.47
N GLY C 106 13.59 5.90 -0.73
CA GLY C 106 14.86 6.10 -1.38
C GLY C 106 15.90 6.91 -0.64
N GLY C 107 15.47 7.79 0.25
CA GLY C 107 16.42 8.67 0.93
C GLY C 107 16.47 10.05 0.33
N GLY C 108 15.95 10.18 -0.89
CA GLY C 108 15.72 11.48 -1.50
C GLY C 108 16.83 12.04 -2.34
N THR C 109 16.44 12.79 -3.37
CA THR C 109 17.37 13.62 -4.14
C THR C 109 16.86 15.05 -4.12
N LYS C 110 17.69 15.99 -3.68
CA LYS C 110 17.31 17.40 -3.66
C LYS C 110 17.67 18.09 -4.97
N VAL C 111 16.67 18.46 -5.75
CA VAL C 111 16.93 19.18 -6.99
C VAL C 111 16.68 20.68 -6.85
N ASP C 112 17.71 21.45 -7.21
CA ASP C 112 17.68 22.92 -7.20
C ASP C 112 18.09 23.50 -8.56
N LEU C 113 17.94 24.81 -8.72
CA LEU C 113 18.21 25.45 -10.00
C LEU C 113 19.68 25.78 -10.20
N ASN C 114 20.27 25.31 -11.30
CA ASN C 114 21.62 25.77 -11.63
C ASN C 114 21.57 27.25 -11.96
N ARG C 115 22.73 27.86 -11.93
CA ARG C 115 22.83 29.30 -11.83
C ARG C 115 24.31 29.61 -11.88
N THR C 116 24.67 30.81 -12.30
CA THR C 116 26.06 31.23 -12.22
C THR C 116 26.54 31.10 -10.79
N VAL C 117 27.81 30.76 -10.63
CA VAL C 117 28.42 30.76 -9.32
C VAL C 117 28.37 32.16 -8.72
N ALA C 118 28.08 32.21 -7.42
CA ALA C 118 28.09 33.46 -6.67
C ALA C 118 28.82 33.28 -5.36
N ALA C 119 29.82 34.12 -5.12
CA ALA C 119 30.58 34.08 -3.89
C ALA C 119 29.71 34.65 -2.77
N PRO C 120 29.85 34.13 -1.55
CA PRO C 120 29.07 34.67 -0.45
C PRO C 120 29.61 36.03 -0.05
N SER C 121 28.75 36.88 0.47
CA SER C 121 29.26 37.98 1.27
C SER C 121 29.39 37.47 2.68
N VAL C 122 30.46 37.81 3.36
CA VAL C 122 30.66 37.20 4.65
C VAL C 122 30.60 38.30 5.69
N PHE C 123 29.89 38.04 6.78
CA PHE C 123 29.76 39.03 7.83
C PHE C 123 29.93 38.38 9.19
N ILE C 124 30.63 39.04 10.11
CA ILE C 124 30.73 38.49 11.44
C ILE C 124 30.07 39.42 12.46
N PHE C 125 29.40 38.81 13.44
CA PHE C 125 28.72 39.55 14.49
C PHE C 125 29.24 39.04 15.84
N PRO C 126 29.81 39.94 16.63
CA PRO C 126 30.24 39.68 18.00
C PRO C 126 29.02 39.42 18.88
N PRO C 127 29.20 38.81 20.04
CA PRO C 127 28.02 38.70 20.91
C PRO C 127 27.57 40.07 21.38
N SER C 128 26.27 40.27 21.59
CA SER C 128 25.88 41.54 22.12
C SER C 128 26.25 41.49 23.59
N ASP C 129 26.60 42.63 24.16
CA ASP C 129 26.83 42.72 25.59
C ASP C 129 25.63 42.30 26.47
N GLU C 130 24.41 42.66 26.07
CA GLU C 130 23.23 42.25 26.86
C GLU C 130 23.19 40.74 26.92
N GLN C 131 23.56 40.07 25.83
CA GLN C 131 23.61 38.63 25.91
C GLN C 131 24.72 38.29 26.88
N LEU C 132 25.85 39.00 26.84
CA LEU C 132 26.91 38.64 27.77
C LEU C 132 26.48 38.75 29.26
N LYS C 133 25.61 39.73 29.59
CA LYS C 133 25.03 39.82 30.94
C LYS C 133 24.41 38.51 31.38
N SER C 134 23.85 37.82 30.38
CA SER C 134 23.17 36.57 30.55
C SER C 134 24.15 35.46 30.90
N GLY C 135 25.43 35.71 30.62
CA GLY C 135 26.48 34.71 30.82
C GLY C 135 26.85 33.90 29.61
N THR C 136 26.21 34.15 28.47
CA THR C 136 26.47 33.38 27.25
C THR C 136 26.88 34.26 26.07
N ALA C 137 27.81 33.79 25.24
CA ALA C 137 28.20 34.55 24.06
C ALA C 137 27.96 33.77 22.77
N SER C 138 27.20 34.37 21.85
CA SER C 138 27.02 33.82 20.52
C SER C 138 27.71 34.69 19.49
N VAL C 139 28.60 34.09 18.71
CA VAL C 139 29.25 34.78 17.62
C VAL C 139 28.64 34.25 16.34
N VAL C 140 28.26 35.14 15.43
CA VAL C 140 27.50 34.72 14.28
C VAL C 140 28.26 35.04 13.01
N CYS C 141 28.29 34.08 12.10
CA CYS C 141 28.91 34.29 10.81
C CYS C 141 27.84 34.09 9.76
N LEU C 142 27.73 35.06 8.87
CA LEU C 142 26.73 35.00 7.83
C LEU C 142 27.40 34.89 6.48
N LEU C 143 26.98 33.90 5.69
CA LEU C 143 27.39 33.82 4.32
C LEU C 143 26.12 34.17 3.59
N ASN C 144 26.12 35.36 3.02
CA ASN C 144 24.91 35.91 2.50
C ASN C 144 24.93 35.75 0.95
N ASN C 145 23.89 35.13 0.39
CA ASN C 145 23.65 35.05 -1.07
C ASN C 145 24.77 34.47 -1.95
N PHE C 146 25.03 33.18 -1.75
CA PHE C 146 26.01 32.43 -2.54
C PHE C 146 25.38 31.28 -3.36
N TYR C 147 26.10 30.82 -4.37
CA TYR C 147 25.69 29.66 -5.18
C TYR C 147 26.96 28.98 -5.70
N PRO C 148 27.00 27.62 -5.66
CA PRO C 148 26.03 26.63 -5.18
C PRO C 148 25.97 26.46 -3.66
N ARG C 149 25.12 25.54 -3.18
CA ARG C 149 24.94 25.35 -1.74
C ARG C 149 25.97 24.38 -1.19
N GLU C 150 27.25 24.67 -1.42
CA GLU C 150 28.32 23.93 -0.78
C GLU C 150 29.34 24.98 -0.34
N ALA C 151 29.55 25.05 0.95
CA ALA C 151 30.45 25.99 1.53
C ALA C 151 30.94 25.40 2.83
N LYS C 152 32.02 25.88 3.31
CA LYS C 152 32.55 25.37 4.54
C LYS C 152 32.89 26.56 5.43
N VAL C 153 32.40 26.48 6.66
CA VAL C 153 32.72 27.46 7.65
C VAL C 153 33.60 26.78 8.65
N GLN C 154 34.74 27.41 8.90
CA GLN C 154 35.62 26.97 9.95
C GLN C 154 35.81 28.09 10.94
N TRP C 155 35.54 27.81 12.21
CA TRP C 155 35.82 28.80 13.23
C TRP C 155 37.21 28.64 13.76
N LYS C 156 37.90 29.75 13.97
CA LYS C 156 39.21 29.67 14.59
C LYS C 156 39.24 30.72 15.68
N VAL C 157 39.79 30.33 16.83
CA VAL C 157 39.96 31.20 17.97
C VAL C 157 41.38 31.16 18.46
N ASP C 158 41.93 32.35 18.36
CA ASP C 158 43.32 32.69 18.51
C ASP C 158 44.01 31.65 17.62
N ASN C 159 43.40 31.49 16.43
CA ASN C 159 43.89 30.57 15.40
C ASN C 159 43.83 29.06 15.67
N ALA C 160 43.43 28.66 16.87
CA ALA C 160 43.23 27.25 17.23
C ALA C 160 41.87 26.87 16.69
N LEU C 161 41.82 25.84 15.85
CA LEU C 161 40.55 25.44 15.27
C LEU C 161 39.52 24.88 16.24
N GLN C 162 38.32 25.44 16.23
CA GLN C 162 37.25 24.97 17.12
C GLN C 162 36.39 23.93 16.47
N SER C 163 35.87 23.05 17.32
CA SER C 163 34.99 21.97 16.88
C SER C 163 33.95 21.62 17.94
N GLY C 164 32.69 21.53 17.51
CA GLY C 164 31.65 21.04 18.42
C GLY C 164 30.99 22.17 19.17
N ASN C 165 31.46 23.38 18.92
CA ASN C 165 30.99 24.55 19.62
C ASN C 165 30.40 25.43 18.55
N SER C 166 29.99 24.78 17.45
CA SER C 166 29.35 25.48 16.35
C SER C 166 28.10 24.76 15.85
N GLN C 167 27.19 25.52 15.26
CA GLN C 167 25.97 25.02 14.60
C GLN C 167 25.74 25.84 13.35
N GLU C 168 25.06 25.28 12.36
CA GLU C 168 24.82 26.06 11.16
C GLU C 168 23.42 25.83 10.64
N SER C 169 22.90 26.77 9.84
CA SER C 169 21.69 26.52 9.10
C SER C 169 21.70 27.20 7.73
N VAL C 170 20.80 26.75 6.84
CA VAL C 170 20.84 27.15 5.43
C VAL C 170 19.47 27.55 4.91
N THR C 171 19.35 28.62 4.13
CA THR C 171 18.02 28.91 3.61
C THR C 171 17.74 27.94 2.46
N GLU C 172 16.48 27.73 2.12
CA GLU C 172 16.12 27.11 0.84
C GLU C 172 16.58 28.01 -0.30
N GLN C 173 16.58 27.50 -1.52
CA GLN C 173 16.97 28.35 -2.63
C GLN C 173 16.00 29.52 -2.75
N ASP C 174 16.55 30.71 -2.93
CA ASP C 174 15.72 31.91 -3.04
C ASP C 174 14.88 31.84 -4.32
N SER C 175 13.60 32.12 -4.22
CA SER C 175 12.71 32.02 -5.38
C SER C 175 12.92 33.09 -6.45
N LYS C 176 13.73 34.11 -6.17
CA LYS C 176 13.94 35.15 -7.18
C LYS C 176 15.33 35.10 -7.81
N ASP C 177 16.39 35.02 -7.01
CA ASP C 177 17.71 35.01 -7.62
C ASP C 177 18.44 33.67 -7.47
N SER C 178 17.75 32.71 -6.87
CA SER C 178 18.18 31.31 -6.76
C SER C 178 19.48 31.10 -5.97
N THR C 179 19.81 32.02 -5.06
CA THR C 179 20.98 31.82 -4.21
C THR C 179 20.58 31.27 -2.86
N TYR C 180 21.57 30.94 -2.04
CA TYR C 180 21.37 30.49 -0.67
C TYR C 180 22.01 31.39 0.34
N SER C 181 21.56 31.31 1.58
CA SER C 181 22.29 32.01 2.62
C SER C 181 22.51 31.00 3.74
N LEU C 182 23.53 31.25 4.54
CA LEU C 182 23.93 30.33 5.59
C LEU C 182 24.41 31.06 6.84
N SER C 183 24.06 30.53 8.00
CA SER C 183 24.47 31.12 9.25
C SER C 183 25.23 30.09 10.07
N SER C 184 26.42 30.43 10.55
CA SER C 184 27.13 29.50 11.42
C SER C 184 27.22 30.28 12.71
N THR C 185 26.92 29.62 13.83
CA THR C 185 27.00 30.24 15.13
C THR C 185 27.94 29.49 16.06
N LEU C 186 28.90 30.22 16.63
CA LEU C 186 29.72 29.66 17.68
C LEU C 186 29.16 30.13 19.03
N THR C 187 28.84 29.18 19.91
CA THR C 187 28.26 29.51 21.19
C THR C 187 29.21 29.13 22.33
N LEU C 188 29.50 30.07 23.23
CA LEU C 188 30.39 29.79 24.36
C LEU C 188 29.84 30.31 25.68
N SER C 189 30.30 29.70 26.77
CA SER C 189 30.10 30.24 28.11
C SER C 189 30.89 31.54 28.20
N LYS C 190 30.46 32.47 29.06
CA LYS C 190 31.22 33.70 29.22
C LYS C 190 32.66 33.40 29.60
N ALA C 191 32.88 32.45 30.50
CA ALA C 191 34.22 32.02 30.87
C ALA C 191 35.06 31.69 29.63
N ASP C 192 34.48 30.84 28.79
CA ASP C 192 35.16 30.41 27.56
C ASP C 192 35.40 31.57 26.58
N TYR C 193 34.39 32.42 26.40
CA TYR C 193 34.51 33.61 25.56
C TYR C 193 35.70 34.46 26.05
N GLU C 194 35.76 34.67 27.36
CA GLU C 194 36.78 35.48 28.01
C GLU C 194 38.17 34.82 27.94
N LYS C 195 38.24 33.51 27.72
CA LYS C 195 39.57 32.89 27.70
C LYS C 195 40.33 33.26 26.45
N HIS C 196 39.63 33.72 25.43
CA HIS C 196 40.28 33.91 24.15
C HIS C 196 40.20 35.35 23.61
N LYS C 197 41.05 35.66 22.64
CA LYS C 197 41.16 37.02 22.16
C LYS C 197 40.61 37.23 20.75
N VAL C 198 41.12 36.44 19.81
CA VAL C 198 40.80 36.60 18.40
C VAL C 198 39.72 35.63 17.91
N TYR C 199 38.58 36.13 17.44
CA TYR C 199 37.54 35.24 16.91
C TYR C 199 37.40 35.44 15.42
N ALA C 200 37.56 34.35 14.66
CA ALA C 200 37.57 34.46 13.22
C ALA C 200 36.73 33.38 12.57
N CYS C 201 36.03 33.78 11.52
CA CYS C 201 35.26 32.89 10.71
C CYS C 201 35.91 32.83 9.33
N GLU C 202 36.38 31.63 8.96
CA GLU C 202 36.98 31.38 7.66
C GLU C 202 36.10 30.55 6.72
N VAL C 203 35.82 31.11 5.55
CA VAL C 203 34.85 30.56 4.62
C VAL C 203 35.45 30.05 3.31
N THR C 204 35.16 28.80 2.96
CA THR C 204 35.55 28.20 1.67
C THR C 204 34.33 28.00 0.77
N HIS C 205 34.41 28.49 -0.47
CA HIS C 205 33.35 28.34 -1.49
C HIS C 205 33.87 28.42 -2.92
N GLN C 206 33.31 27.69 -3.88
CA GLN C 206 33.94 27.62 -5.20
C GLN C 206 33.91 28.98 -5.90
N GLY C 207 33.15 29.93 -5.37
CA GLY C 207 33.16 31.26 -5.94
C GLY C 207 34.33 32.12 -5.50
N LEU C 208 34.99 31.73 -4.41
CA LEU C 208 36.12 32.51 -3.91
C LEU C 208 37.41 31.90 -4.46
N SER C 209 38.42 32.72 -4.71
CA SER C 209 39.70 32.21 -5.20
C SER C 209 40.50 31.48 -4.11
N SER C 210 40.27 31.86 -2.86
CA SER C 210 40.92 31.22 -1.71
C SER C 210 40.07 31.51 -0.48
N PRO C 211 40.29 30.81 0.65
CA PRO C 211 39.38 31.06 1.77
C PRO C 211 39.37 32.51 2.22
N VAL C 212 38.18 33.01 2.58
CA VAL C 212 38.05 34.39 3.04
C VAL C 212 37.84 34.40 4.56
N THR C 213 38.61 35.23 5.25
CA THR C 213 38.46 35.36 6.70
C THR C 213 37.91 36.70 7.19
N LYS C 214 36.80 36.65 7.93
CA LYS C 214 36.33 37.82 8.67
C LYS C 214 36.62 37.55 10.15
N SER C 215 37.19 38.51 10.85
CA SER C 215 37.55 38.28 12.25
C SER C 215 37.36 39.49 13.13
N PHE C 216 37.33 39.30 14.45
CA PHE C 216 37.42 40.43 15.36
C PHE C 216 38.24 40.09 16.61
N ASN C 217 38.78 41.14 17.23
CA ASN C 217 39.43 41.09 18.54
C ASN C 217 38.53 41.67 19.60
N ARG C 218 38.18 40.90 20.64
CA ARG C 218 37.35 41.31 21.81
C ARG C 218 36.81 40.09 22.55
#